data_1VGM
#
_entry.id   1VGM
#
_cell.length_a   62.870
_cell.length_b   94.170
_cell.length_c   77.620
_cell.angle_alpha   90.00
_cell.angle_beta   97.22
_cell.angle_gamma   90.00
#
_symmetry.space_group_name_H-M   'P 1 21 1'
#
loop_
_entity.id
_entity.type
_entity.pdbx_description
1 polymer '378aa long hypothetical citrate synthase'
2 non-polymer 'SULFATE ION'
3 non-polymer GLYCEROL
4 water water
#
_entity_poly.entity_id   1
_entity_poly.type   'polypeptide(L)'
_entity_poly.pdbx_seq_one_letter_code
;MSVEVSRGLENVIIKTTGLTYIDGINGILRYRGYDINDLVNYASYEELIHLMLYGELPNRQQLNQIKGIINESFEVPEQV
ISTIFSMPRNCDAIGMMETAFGILASIYDPKWNRATNKELAVQIIAKTATITANIYRAKEGLKPKIPEPSESYAESFLAA
TFGKKPTQEEIKAMDASLILYTDHEVPASTTAALVASSTLSDMYSCIVAALAALKGPLHGGAAEEAFKQFVEIGSVENAD
KWFEEKIIKGKSRLMGFGHRVYKTYDPRAKIFKTLAKSFAEKNENVKKYYEIAERIEKLGVDTFGSKHIYPNTDFYSGIV
FYALGFPIYMFTSLFALSRVLGWLAHIIEYVEEQHRLIRPRALYIGPEKREFKPIELR
;
_entity_poly.pdbx_strand_id   A,B
#
# COMPACT_ATOMS: atom_id res chain seq x y z
N VAL A 3 15.79 -17.51 -14.13
CA VAL A 3 14.56 -18.35 -13.96
C VAL A 3 13.32 -17.49 -14.12
N GLU A 4 12.68 -17.64 -15.27
CA GLU A 4 11.81 -16.61 -15.81
C GLU A 4 10.40 -16.88 -15.34
N VAL A 5 10.22 -16.74 -14.03
CA VAL A 5 9.04 -17.26 -13.37
C VAL A 5 7.91 -16.26 -13.56
N SER A 6 7.06 -16.04 -12.57
CA SER A 6 5.83 -15.29 -12.80
C SER A 6 6.03 -13.79 -12.65
N ARG A 7 7.24 -13.34 -12.95
CA ARG A 7 7.59 -11.93 -12.96
C ARG A 7 6.52 -11.03 -13.57
N GLY A 8 6.05 -10.06 -12.79
CA GLY A 8 5.07 -9.11 -13.30
C GLY A 8 3.65 -9.60 -13.11
N LEU A 9 3.51 -10.90 -12.87
CA LEU A 9 2.21 -11.56 -12.71
C LEU A 9 1.29 -11.40 -13.93
N GLU A 10 1.87 -11.13 -15.08
CA GLU A 10 1.11 -10.71 -16.25
C GLU A 10 0.08 -11.74 -16.71
N ASN A 11 0.37 -13.02 -16.48
CA ASN A 11 -0.52 -14.07 -16.97
C ASN A 11 -1.34 -14.64 -15.83
N VAL A 12 -1.17 -14.07 -14.63
CA VAL A 12 -1.93 -14.47 -13.45
C VAL A 12 -3.30 -13.79 -13.48
N ILE A 13 -4.36 -14.56 -13.27
CA ILE A 13 -5.68 -13.98 -13.00
C ILE A 13 -5.84 -13.85 -11.50
N ILE A 14 -5.88 -12.60 -11.01
CA ILE A 14 -5.91 -12.36 -9.58
C ILE A 14 -7.35 -12.33 -9.05
N LYS A 15 -8.31 -12.09 -9.94
CA LYS A 15 -9.72 -12.15 -9.57
C LYS A 15 -10.59 -12.16 -10.83
N THR A 16 -11.87 -12.45 -10.65
CA THR A 16 -12.85 -12.13 -11.68
C THR A 16 -13.43 -10.76 -11.37
N THR A 17 -14.09 -10.16 -12.35
CA THR A 17 -14.79 -8.91 -12.13
C THR A 17 -16.07 -8.87 -12.97
N GLY A 18 -17.12 -8.28 -12.39
CA GLY A 18 -18.32 -7.95 -13.16
C GLY A 18 -18.31 -6.53 -13.69
N LEU A 19 -17.22 -5.81 -13.46
CA LEU A 19 -17.23 -4.35 -13.55
C LEU A 19 -16.90 -3.87 -14.97
N THR A 20 -15.78 -4.30 -15.52
CA THR A 20 -15.23 -3.62 -16.69
C THR A 20 -14.84 -4.56 -17.84
N TYR A 21 -15.39 -4.30 -19.01
CA TYR A 21 -15.08 -5.10 -20.20
C TYR A 21 -14.33 -4.28 -21.22
N ILE A 22 -13.23 -4.83 -21.72
CA ILE A 22 -12.46 -4.17 -22.76
C ILE A 22 -12.31 -5.06 -23.99
N ASP A 23 -12.64 -4.50 -25.14
CA ASP A 23 -12.41 -5.14 -26.43
C ASP A 23 -11.34 -4.32 -27.15
N GLY A 24 -10.11 -4.85 -27.17
CA GLY A 24 -8.99 -4.10 -27.71
C GLY A 24 -8.93 -4.07 -29.22
N ILE A 25 -9.59 -5.03 -29.86
CA ILE A 25 -9.64 -5.08 -31.32
C ILE A 25 -10.54 -3.99 -31.89
N ASN A 26 -11.73 -3.82 -31.32
CA ASN A 26 -12.69 -2.85 -31.84
C ASN A 26 -12.66 -1.54 -31.05
N GLY A 27 -11.84 -1.49 -30.00
CA GLY A 27 -11.75 -0.30 -29.18
C GLY A 27 -13.04 0.03 -28.47
N ILE A 28 -13.55 -0.93 -27.70
CA ILE A 28 -14.80 -0.74 -26.96
C ILE A 28 -14.57 -0.94 -25.47
N LEU A 29 -15.04 0.00 -24.66
CA LEU A 29 -14.99 -0.12 -23.22
C LEU A 29 -16.40 -0.09 -22.64
N ARG A 30 -16.70 -1.05 -21.79
CA ARG A 30 -17.99 -1.07 -21.10
C ARG A 30 -17.84 -1.12 -19.58
N TYR A 31 -18.68 -0.37 -18.88
CA TYR A 31 -18.83 -0.52 -17.44
C TYR A 31 -20.16 -1.23 -17.13
N ARG A 32 -20.06 -2.42 -16.55
CA ARG A 32 -21.24 -3.25 -16.32
C ARG A 32 -22.15 -3.28 -17.54
N GLY A 33 -21.53 -3.40 -18.72
CA GLY A 33 -22.29 -3.68 -19.92
C GLY A 33 -22.67 -2.46 -20.74
N TYR A 34 -22.53 -1.27 -20.15
CA TYR A 34 -22.89 -0.04 -20.84
C TYR A 34 -21.64 0.61 -21.46
N ASP A 35 -21.74 0.97 -22.74
CA ASP A 35 -20.61 1.58 -23.46
C ASP A 35 -20.19 2.87 -22.78
N ILE A 36 -18.88 3.13 -22.75
CA ILE A 36 -18.38 4.31 -22.04
C ILE A 36 -18.89 5.61 -22.68
N ASN A 37 -19.15 5.56 -23.98
CA ASN A 37 -19.67 6.72 -24.70
C ASN A 37 -21.08 7.11 -24.21
N ASP A 38 -21.93 6.11 -23.97
CA ASP A 38 -23.29 6.39 -23.49
C ASP A 38 -23.25 6.95 -22.08
N LEU A 39 -22.40 6.36 -21.24
CA LEU A 39 -22.28 6.82 -19.86
C LEU A 39 -21.83 8.27 -19.77
N VAL A 40 -20.78 8.62 -20.51
CA VAL A 40 -20.31 10.01 -20.56
C VAL A 40 -21.40 10.92 -21.14
N ASN A 41 -21.94 10.54 -22.30
CA ASN A 41 -22.87 11.41 -23.01
C ASN A 41 -24.20 11.59 -22.28
N TYR A 42 -24.69 10.55 -21.62
CA TYR A 42 -26.09 10.54 -21.21
C TYR A 42 -26.28 10.31 -19.72
N ALA A 43 -25.19 10.05 -19.00
CA ALA A 43 -25.28 9.79 -17.57
C ALA A 43 -24.40 10.76 -16.78
N SER A 44 -23.77 10.28 -15.72
CA SER A 44 -23.03 11.15 -14.82
C SER A 44 -22.22 10.30 -13.85
N TYR A 45 -21.27 10.91 -13.15
CA TYR A 45 -20.42 10.17 -12.24
C TYR A 45 -21.24 9.54 -11.12
N GLU A 46 -22.19 10.29 -10.59
CA GLU A 46 -23.08 9.77 -9.55
C GLU A 46 -23.85 8.52 -10.02
N GLU A 47 -24.28 8.53 -11.28
CA GLU A 47 -24.96 7.36 -11.81
C GLU A 47 -24.00 6.19 -12.00
N LEU A 48 -22.77 6.49 -12.42
CA LEU A 48 -21.72 5.47 -12.51
C LEU A 48 -21.29 4.91 -11.17
N ILE A 49 -21.20 5.76 -10.16
CA ILE A 49 -20.99 5.29 -8.79
C ILE A 49 -22.00 4.20 -8.47
N HIS A 50 -23.28 4.47 -8.71
CA HIS A 50 -24.32 3.51 -8.34
C HIS A 50 -24.23 2.26 -9.21
N LEU A 51 -23.90 2.46 -10.49
CA LEU A 51 -23.76 1.34 -11.41
C LEU A 51 -22.63 0.41 -10.92
N MET A 52 -21.45 0.98 -10.68
CA MET A 52 -20.30 0.17 -10.31
C MET A 52 -20.48 -0.52 -8.96
N LEU A 53 -21.10 0.15 -8.00
CA LEU A 53 -21.15 -0.39 -6.64
C LEU A 53 -22.36 -1.29 -6.44
N TYR A 54 -23.51 -0.86 -6.97
CA TYR A 54 -24.76 -1.56 -6.75
C TYR A 54 -25.13 -2.46 -7.95
N GLY A 55 -24.58 -2.16 -9.12
CA GLY A 55 -24.71 -3.08 -10.24
C GLY A 55 -25.61 -2.62 -11.38
N GLU A 56 -26.49 -1.64 -11.10
CA GLU A 56 -27.35 -1.10 -12.15
C GLU A 56 -27.31 0.43 -12.16
N LEU A 57 -27.75 1.03 -13.27
CA LEU A 57 -28.05 2.45 -13.31
C LEU A 57 -29.16 2.75 -12.32
N PRO A 58 -29.05 3.85 -11.57
CA PRO A 58 -30.04 4.11 -10.54
C PRO A 58 -31.31 4.73 -11.12
N ASN A 59 -32.45 4.46 -10.48
CA ASN A 59 -33.62 5.28 -10.74
C ASN A 59 -33.48 6.58 -9.98
N ARG A 60 -34.47 7.45 -10.11
CA ARG A 60 -34.40 8.77 -9.54
C ARG A 60 -34.22 8.70 -8.02
N GLN A 61 -34.94 7.78 -7.37
CA GLN A 61 -34.86 7.66 -5.92
C GLN A 61 -33.45 7.21 -5.50
N GLN A 62 -32.95 6.16 -6.14
CA GLN A 62 -31.62 5.66 -5.84
C GLN A 62 -30.53 6.68 -6.12
N LEU A 63 -30.65 7.41 -7.23
CA LEU A 63 -29.68 8.46 -7.55
C LEU A 63 -29.68 9.56 -6.49
N ASN A 64 -30.86 9.93 -6.01
CA ASN A 64 -30.96 10.94 -4.96
C ASN A 64 -30.35 10.46 -3.64
N GLN A 65 -30.38 9.15 -3.42
CA GLN A 65 -29.71 8.59 -2.26
C GLN A 65 -28.19 8.68 -2.38
N ILE A 66 -27.64 8.38 -3.55
CA ILE A 66 -26.21 8.59 -3.80
C ILE A 66 -25.80 10.03 -3.50
N LYS A 67 -26.53 10.99 -4.09
CA LYS A 67 -26.20 12.40 -3.91
C LYS A 67 -26.31 12.83 -2.44
N GLY A 68 -27.29 12.27 -1.74
CA GLY A 68 -27.44 12.53 -0.32
C GLY A 68 -26.26 12.07 0.53
N ILE A 69 -25.74 10.88 0.25
CA ILE A 69 -24.57 10.42 0.97
C ILE A 69 -23.36 11.28 0.65
N ILE A 70 -23.16 11.55 -0.64
CA ILE A 70 -22.05 12.40 -1.06
C ILE A 70 -22.09 13.72 -0.30
N ASN A 71 -23.24 14.38 -0.35
CA ASN A 71 -23.32 15.77 0.07
C ASN A 71 -23.18 15.93 1.58
N GLU A 72 -23.39 14.82 2.30
CA GLU A 72 -23.23 14.85 3.75
C GLU A 72 -21.88 14.31 4.21
N SER A 73 -20.97 14.03 3.27
CA SER A 73 -19.76 13.29 3.63
C SER A 73 -18.43 13.97 3.25
N PHE A 74 -18.46 15.28 2.98
CA PHE A 74 -17.27 15.99 2.51
C PHE A 74 -16.30 16.34 3.64
N GLU A 75 -16.81 16.43 4.86
CA GLU A 75 -15.97 16.73 6.03
C GLU A 75 -14.86 15.69 6.17
N VAL A 76 -13.69 16.14 6.59
CA VAL A 76 -12.62 15.24 7.03
C VAL A 76 -12.11 15.63 8.41
N PRO A 77 -11.45 14.70 9.11
CA PRO A 77 -10.85 15.04 10.42
C PRO A 77 -9.94 16.22 10.25
N GLU A 78 -9.85 17.06 11.28
CA GLU A 78 -9.06 18.28 11.16
C GLU A 78 -7.57 17.93 11.08
N GLN A 79 -7.22 16.73 11.56
CA GLN A 79 -5.84 16.26 11.44
C GLN A 79 -5.41 16.23 9.98
N VAL A 80 -6.34 15.90 9.09
CA VAL A 80 -6.04 15.84 7.66
C VAL A 80 -5.57 17.20 7.17
N ILE A 81 -6.37 18.21 7.48
CA ILE A 81 -6.06 19.56 7.04
C ILE A 81 -4.73 19.98 7.66
N SER A 82 -4.60 19.77 8.96
CA SER A 82 -3.43 20.19 9.69
C SER A 82 -2.16 19.61 9.06
N THR A 83 -2.20 18.33 8.73
CA THR A 83 -1.02 17.66 8.19
C THR A 83 -0.72 18.04 6.74
N ILE A 84 -1.76 18.05 5.90
CA ILE A 84 -1.62 18.45 4.50
C ILE A 84 -0.97 19.83 4.39
N PHE A 85 -1.49 20.76 5.18
CA PHE A 85 -1.05 22.14 5.06
C PHE A 85 0.27 22.42 5.77
N SER A 86 0.79 21.43 6.48
CA SER A 86 2.05 21.63 7.20
C SER A 86 3.23 21.08 6.40
N MET A 87 2.94 20.36 5.31
CA MET A 87 4.00 19.77 4.52
C MET A 87 4.56 20.78 3.53
N PRO A 88 5.81 20.56 3.08
CA PRO A 88 6.41 21.47 2.10
C PRO A 88 5.50 21.59 0.87
N ARG A 89 5.49 22.77 0.27
CA ARG A 89 4.59 23.03 -0.83
C ARG A 89 5.00 22.32 -2.10
N ASN A 90 6.22 21.79 -2.12
CA ASN A 90 6.73 21.09 -3.28
C ASN A 90 6.49 19.58 -3.22
N CYS A 91 5.87 19.09 -2.14
CA CYS A 91 5.64 17.66 -2.01
C CYS A 91 4.85 17.13 -3.19
N ASP A 92 5.14 15.90 -3.58
CA ASP A 92 4.33 15.20 -4.57
C ASP A 92 2.90 15.00 -4.08
N ALA A 93 1.94 15.31 -4.94
CA ALA A 93 0.53 15.30 -4.54
C ALA A 93 0.06 13.91 -4.09
N ILE A 94 0.52 12.87 -4.76
CA ILE A 94 0.17 11.51 -4.35
C ILE A 94 0.83 11.10 -3.03
N GLY A 95 2.04 11.59 -2.77
CA GLY A 95 2.57 11.58 -1.42
C GLY A 95 1.61 12.17 -0.40
N MET A 96 1.10 13.35 -0.71
CA MET A 96 0.20 14.02 0.22
C MET A 96 -1.12 13.25 0.34
N MET A 97 -1.58 12.69 -0.76
CA MET A 97 -2.85 11.97 -0.75
C MET A 97 -2.74 10.67 0.04
N GLU A 98 -1.66 9.92 -0.16
CA GLU A 98 -1.50 8.66 0.56
C GLU A 98 -1.39 8.91 2.06
N THR A 99 -0.78 10.04 2.42
CA THR A 99 -0.70 10.45 3.82
C THR A 99 -2.08 10.78 4.37
N ALA A 100 -2.86 11.58 3.64
CA ALA A 100 -4.21 11.93 4.06
C ALA A 100 -5.05 10.68 4.30
N PHE A 101 -4.95 9.70 3.41
CA PHE A 101 -5.76 8.50 3.53
C PHE A 101 -5.31 7.62 4.70
N GLY A 102 -4.05 7.78 5.10
CA GLY A 102 -3.55 7.11 6.29
C GLY A 102 -4.19 7.68 7.53
N ILE A 103 -4.34 9.00 7.56
CA ILE A 103 -5.05 9.66 8.64
C ILE A 103 -6.53 9.28 8.72
N LEU A 104 -7.20 9.19 7.56
CA LEU A 104 -8.60 8.77 7.54
C LEU A 104 -8.75 7.34 8.06
N ALA A 105 -7.88 6.44 7.61
CA ALA A 105 -7.87 5.06 8.11
C ALA A 105 -7.67 5.00 9.62
N SER A 106 -6.78 5.83 10.15
CA SER A 106 -6.51 5.85 11.59
C SER A 106 -7.72 6.33 12.41
N ILE A 107 -8.42 7.33 11.90
CA ILE A 107 -9.43 8.01 12.69
C ILE A 107 -10.80 7.38 12.50
N TYR A 108 -11.16 7.07 11.26
CA TYR A 108 -12.41 6.35 10.98
C TYR A 108 -12.29 4.84 11.21
N ASP A 109 -11.18 4.25 10.78
CA ASP A 109 -10.96 2.82 10.92
C ASP A 109 -12.25 2.00 10.72
N PRO A 110 -12.85 2.11 9.52
CA PRO A 110 -14.13 1.41 9.29
C PRO A 110 -13.99 -0.10 9.25
N LYS A 111 -14.97 -0.78 9.81
CA LYS A 111 -15.07 -2.23 9.68
C LYS A 111 -15.71 -2.61 8.35
N TRP A 112 -15.28 -3.72 7.78
CA TRP A 112 -15.99 -4.31 6.66
C TRP A 112 -17.33 -4.90 7.11
N ASN A 113 -18.36 -4.64 6.32
CA ASN A 113 -19.73 -5.04 6.67
C ASN A 113 -20.56 -4.94 5.40
N ARG A 114 -21.08 -6.05 4.92
CA ARG A 114 -21.73 -6.03 3.61
C ARG A 114 -23.01 -5.21 3.63
N ALA A 115 -23.51 -4.89 4.82
CA ALA A 115 -24.66 -3.99 4.92
C ALA A 115 -24.27 -2.51 4.76
N THR A 116 -22.99 -2.18 4.92
CA THR A 116 -22.58 -0.77 4.84
C THR A 116 -21.43 -0.48 3.88
N ASN A 117 -20.85 -1.52 3.29
CA ASN A 117 -19.63 -1.32 2.51
C ASN A 117 -19.85 -0.33 1.37
N LYS A 118 -21.00 -0.41 0.70
CA LYS A 118 -21.26 0.39 -0.49
C LYS A 118 -21.47 1.85 -0.12
N GLU A 119 -22.20 2.08 0.97
CA GLU A 119 -22.42 3.43 1.45
C GLU A 119 -21.09 4.03 1.93
N LEU A 120 -20.25 3.21 2.55
CA LEU A 120 -18.92 3.66 2.97
C LEU A 120 -18.05 4.05 1.77
N ALA A 121 -18.13 3.27 0.70
CA ALA A 121 -17.47 3.62 -0.56
C ALA A 121 -17.84 5.01 -1.08
N VAL A 122 -19.12 5.35 -1.02
CA VAL A 122 -19.58 6.66 -1.48
C VAL A 122 -19.00 7.76 -0.60
N GLN A 123 -19.04 7.57 0.71
CA GLN A 123 -18.43 8.51 1.66
C GLN A 123 -16.95 8.73 1.32
N ILE A 124 -16.25 7.65 1.02
CA ILE A 124 -14.83 7.77 0.68
C ILE A 124 -14.63 8.58 -0.59
N ILE A 125 -15.52 8.40 -1.55
CA ILE A 125 -15.48 9.16 -2.79
C ILE A 125 -15.70 10.64 -2.51
N ALA A 126 -16.62 10.94 -1.60
CA ALA A 126 -16.81 12.31 -1.14
C ALA A 126 -15.50 12.92 -0.62
N LYS A 127 -14.83 12.20 0.26
CA LYS A 127 -13.67 12.75 0.96
C LYS A 127 -12.43 12.82 0.07
N THR A 128 -12.38 11.97 -0.96
CA THR A 128 -11.33 12.04 -1.95
C THR A 128 -11.33 13.39 -2.67
N ALA A 129 -12.52 13.91 -2.96
CA ALA A 129 -12.66 15.24 -3.55
C ALA A 129 -12.15 16.32 -2.60
N THR A 130 -12.52 16.20 -1.34
CA THR A 130 -12.09 17.17 -0.34
C THR A 130 -10.56 17.16 -0.27
N ILE A 131 -9.99 15.97 -0.16
CA ILE A 131 -8.54 15.84 -0.05
C ILE A 131 -7.82 16.36 -1.31
N THR A 132 -8.31 16.02 -2.49
CA THR A 132 -7.65 16.41 -3.72
C THR A 132 -7.73 17.94 -3.91
N ALA A 133 -8.89 18.51 -3.59
CA ALA A 133 -9.07 19.95 -3.66
C ALA A 133 -8.08 20.67 -2.76
N ASN A 134 -7.88 20.15 -1.56
CA ASN A 134 -7.08 20.86 -0.57
C ASN A 134 -5.58 20.62 -0.74
N ILE A 135 -5.24 19.51 -1.39
CA ILE A 135 -3.87 19.31 -1.83
C ILE A 135 -3.45 20.39 -2.81
N TYR A 136 -4.28 20.63 -3.82
CA TYR A 136 -4.04 21.78 -4.71
C TYR A 136 -3.86 23.07 -3.90
N ARG A 137 -4.76 23.30 -2.95
CA ARG A 137 -4.75 24.55 -2.22
C ARG A 137 -3.48 24.69 -1.38
N ALA A 138 -3.11 23.62 -0.66
CA ALA A 138 -1.88 23.62 0.12
C ALA A 138 -0.64 23.91 -0.72
N LYS A 139 -0.56 23.31 -1.90
CA LYS A 139 0.64 23.46 -2.71
C LYS A 139 0.76 24.87 -3.28
N GLU A 140 -0.38 25.56 -3.38
CA GLU A 140 -0.40 26.93 -3.88
C GLU A 140 -0.42 27.93 -2.72
N GLY A 141 -0.29 27.42 -1.51
CA GLY A 141 -0.34 28.27 -0.33
C GLY A 141 -1.66 29.00 -0.19
N LEU A 142 -2.74 28.38 -0.68
CA LEU A 142 -4.06 28.93 -0.49
C LEU A 142 -4.66 28.40 0.82
N LYS A 143 -5.80 28.95 1.23
CA LYS A 143 -6.43 28.46 2.45
C LYS A 143 -7.26 27.19 2.21
N PRO A 144 -7.41 26.36 3.24
CA PRO A 144 -8.25 25.17 3.10
C PRO A 144 -9.70 25.55 2.77
N LYS A 145 -10.35 24.69 2.00
CA LYS A 145 -11.78 24.85 1.76
C LYS A 145 -12.45 23.50 1.57
N ILE A 146 -13.45 23.22 2.41
CA ILE A 146 -14.19 21.97 2.31
C ILE A 146 -15.28 22.07 1.23
N PRO A 147 -15.41 21.04 0.38
CA PRO A 147 -16.48 21.05 -0.62
C PRO A 147 -17.88 21.15 0.01
N GLU A 148 -18.79 21.78 -0.72
CA GLU A 148 -20.14 21.98 -0.23
C GLU A 148 -21.15 21.28 -1.11
N PRO A 149 -22.31 20.94 -0.55
CA PRO A 149 -23.40 20.39 -1.36
C PRO A 149 -23.66 21.29 -2.56
N SER A 150 -23.98 20.67 -3.69
CA SER A 150 -24.34 21.41 -4.89
C SER A 150 -25.06 20.44 -5.81
N GLU A 151 -25.40 20.90 -7.01
CA GLU A 151 -26.16 20.05 -7.93
C GLU A 151 -25.39 18.84 -8.42
N SER A 152 -24.06 18.85 -8.27
CA SER A 152 -23.30 17.68 -8.67
C SER A 152 -21.95 17.55 -7.98
N TYR A 153 -21.41 16.33 -8.00
CA TYR A 153 -20.12 16.04 -7.39
C TYR A 153 -19.03 16.84 -8.09
N ALA A 154 -19.03 16.81 -9.43
CA ALA A 154 -18.03 17.54 -10.20
C ALA A 154 -18.05 19.04 -9.88
N GLU A 155 -19.25 19.60 -9.69
CA GLU A 155 -19.35 21.01 -9.38
C GLU A 155 -18.77 21.27 -8.00
N SER A 156 -19.21 20.47 -7.02
CA SER A 156 -18.72 20.63 -5.66
C SER A 156 -17.20 20.54 -5.58
N PHE A 157 -16.60 19.62 -6.33
CA PHE A 157 -15.14 19.48 -6.33
C PHE A 157 -14.51 20.74 -6.93
N LEU A 158 -15.03 21.16 -8.09
CA LEU A 158 -14.43 22.27 -8.82
C LEU A 158 -14.54 23.57 -8.02
N ALA A 159 -15.67 23.76 -7.34
CA ALA A 159 -15.91 24.99 -6.59
C ALA A 159 -14.98 25.10 -5.37
N ALA A 160 -14.76 23.98 -4.69
CA ALA A 160 -13.87 23.95 -3.55
C ALA A 160 -12.43 24.24 -4.01
N THR A 161 -12.05 23.60 -5.10
CA THR A 161 -10.69 23.69 -5.60
C THR A 161 -10.35 25.14 -5.96
N PHE A 162 -11.19 25.78 -6.78
CA PHE A 162 -10.86 27.09 -7.34
C PHE A 162 -11.60 28.24 -6.66
N GLY A 163 -12.51 27.92 -5.75
CA GLY A 163 -13.14 28.93 -4.93
C GLY A 163 -14.06 29.84 -5.70
N LYS A 164 -14.68 29.29 -6.73
CA LYS A 164 -15.39 30.04 -7.75
C LYS A 164 -16.44 29.10 -8.33
N LYS A 165 -17.58 29.62 -8.76
CA LYS A 165 -18.54 28.75 -9.39
C LYS A 165 -18.03 28.32 -10.76
N PRO A 166 -17.96 27.00 -11.01
CA PRO A 166 -17.51 26.54 -12.33
C PRO A 166 -18.56 26.84 -13.42
N THR A 167 -18.11 26.94 -14.66
CA THR A 167 -19.03 27.04 -15.79
C THR A 167 -19.62 25.66 -16.07
N GLN A 168 -20.75 25.63 -16.79
CA GLN A 168 -21.39 24.36 -17.11
C GLN A 168 -20.49 23.47 -17.95
N GLU A 169 -19.69 24.07 -18.84
CA GLU A 169 -18.77 23.29 -19.65
C GLU A 169 -17.68 22.67 -18.77
N GLU A 170 -17.24 23.42 -17.77
CA GLU A 170 -16.24 22.90 -16.85
C GLU A 170 -16.80 21.73 -16.05
N ILE A 171 -18.01 21.87 -15.52
CA ILE A 171 -18.66 20.81 -14.78
C ILE A 171 -18.79 19.54 -15.64
N LYS A 172 -19.24 19.71 -16.88
CA LYS A 172 -19.44 18.57 -17.77
C LYS A 172 -18.12 17.87 -18.11
N ALA A 173 -17.06 18.65 -18.32
CA ALA A 173 -15.74 18.08 -18.64
C ALA A 173 -15.14 17.31 -17.46
N MET A 174 -15.39 17.81 -16.25
CA MET A 174 -14.88 17.16 -15.05
C MET A 174 -15.65 15.86 -14.77
N ASP A 175 -16.97 15.93 -14.94
CA ASP A 175 -17.83 14.75 -14.79
C ASP A 175 -17.45 13.67 -15.79
N ALA A 176 -17.26 14.05 -17.04
CA ALA A 176 -16.73 13.13 -18.05
C ALA A 176 -15.40 12.49 -17.63
N SER A 177 -14.47 13.32 -17.18
CA SER A 177 -13.16 12.82 -16.73
C SER A 177 -13.27 11.76 -15.64
N LEU A 178 -14.14 12.00 -14.65
CA LEU A 178 -14.33 11.07 -13.56
C LEU A 178 -14.85 9.73 -14.08
N ILE A 179 -15.76 9.78 -15.05
CA ILE A 179 -16.27 8.57 -15.69
C ILE A 179 -15.16 7.87 -16.47
N LEU A 180 -14.39 8.64 -17.22
CA LEU A 180 -13.45 8.08 -18.20
C LEU A 180 -12.33 7.25 -17.56
N TYR A 181 -11.88 7.67 -16.37
CA TYR A 181 -10.74 7.04 -15.70
C TYR A 181 -11.18 6.09 -14.56
N THR A 182 -12.48 5.83 -14.46
CA THR A 182 -13.01 5.07 -13.32
C THR A 182 -12.42 3.68 -13.14
N ASP A 183 -12.28 2.92 -14.23
CA ASP A 183 -11.63 1.61 -14.14
C ASP A 183 -11.06 1.13 -15.48
N HIS A 184 -10.00 0.30 -15.40
CA HIS A 184 -9.37 -0.26 -16.58
C HIS A 184 -8.24 -1.22 -16.17
N GLU A 185 -8.41 -2.49 -16.54
CA GLU A 185 -7.40 -3.51 -16.26
C GLU A 185 -7.11 -3.59 -14.76
N VAL A 186 -6.00 -4.21 -14.39
CA VAL A 186 -5.62 -4.31 -12.99
C VAL A 186 -4.17 -3.88 -12.84
N PRO A 187 -3.93 -2.57 -12.92
CA PRO A 187 -2.58 -2.03 -12.74
C PRO A 187 -2.09 -2.21 -11.31
N ALA A 188 -0.92 -1.67 -11.02
CA ALA A 188 -0.26 -1.93 -9.74
C ALA A 188 -1.04 -1.32 -8.58
N SER A 189 -1.66 -0.17 -8.79
CA SER A 189 -2.48 0.43 -7.74
C SER A 189 -3.64 -0.46 -7.36
N THR A 190 -4.45 -0.86 -8.34
CA THR A 190 -5.54 -1.78 -8.06
C THR A 190 -5.02 -3.07 -7.40
N THR A 191 -3.85 -3.53 -7.83
CA THR A 191 -3.28 -4.77 -7.29
C THR A 191 -2.94 -4.58 -5.80
N ALA A 192 -2.32 -3.45 -5.48
CA ALA A 192 -1.92 -3.19 -4.11
C ALA A 192 -3.15 -3.06 -3.19
N ALA A 193 -4.22 -2.44 -3.70
CA ALA A 193 -5.45 -2.36 -2.90
C ALA A 193 -6.05 -3.74 -2.64
N LEU A 194 -6.07 -4.58 -3.67
CA LEU A 194 -6.55 -5.94 -3.50
C LEU A 194 -5.72 -6.70 -2.47
N VAL A 195 -4.40 -6.53 -2.54
CA VAL A 195 -3.53 -7.23 -1.62
C VAL A 195 -3.82 -6.83 -0.18
N ALA A 196 -4.07 -5.54 0.05
CA ALA A 196 -4.45 -5.06 1.38
C ALA A 196 -5.85 -5.56 1.78
N SER A 197 -6.78 -5.59 0.82
CA SER A 197 -8.14 -6.00 1.17
C SER A 197 -8.14 -7.48 1.52
N SER A 198 -7.19 -8.22 0.95
CA SER A 198 -7.06 -9.65 1.23
C SER A 198 -6.77 -9.96 2.70
N THR A 199 -6.17 -9.01 3.41
CA THR A 199 -5.95 -9.15 4.86
C THR A 199 -7.09 -8.49 5.64
N LEU A 200 -8.09 -8.01 4.92
CA LEU A 200 -9.20 -7.26 5.50
C LEU A 200 -8.75 -5.96 6.16
N SER A 201 -7.68 -5.38 5.65
CA SER A 201 -7.27 -4.03 6.05
C SER A 201 -8.38 -3.04 5.70
N ASP A 202 -8.58 -2.03 6.53
CA ASP A 202 -9.75 -1.17 6.40
C ASP A 202 -9.74 -0.48 5.03
N MET A 203 -10.91 -0.07 4.57
CA MET A 203 -11.07 0.39 3.19
C MET A 203 -10.12 1.56 2.89
N TYR A 204 -9.95 2.47 3.85
CA TYR A 204 -9.10 3.64 3.64
C TYR A 204 -7.64 3.23 3.45
N SER A 205 -7.17 2.27 4.24
CA SER A 205 -5.82 1.75 4.09
C SER A 205 -5.65 0.96 2.78
N CYS A 206 -6.73 0.38 2.26
CA CYS A 206 -6.65 -0.28 0.95
C CYS A 206 -6.41 0.75 -0.15
N ILE A 207 -7.00 1.93 0.02
CA ILE A 207 -6.73 3.04 -0.87
C ILE A 207 -5.32 3.59 -0.64
N VAL A 208 -4.92 3.70 0.62
CA VAL A 208 -3.52 4.02 0.92
C VAL A 208 -2.57 3.18 0.06
N ALA A 209 -2.78 1.85 0.07
CA ALA A 209 -1.90 0.94 -0.65
C ALA A 209 -1.90 1.25 -2.15
N ALA A 210 -3.08 1.40 -2.74
CA ALA A 210 -3.21 1.75 -4.15
C ALA A 210 -2.40 3.00 -4.47
N LEU A 211 -2.49 3.99 -3.60
CA LEU A 211 -1.87 5.29 -3.86
C LEU A 211 -0.34 5.18 -3.81
N ALA A 212 0.17 4.33 -2.91
CA ALA A 212 1.60 4.11 -2.82
C ALA A 212 2.18 3.50 -4.11
N ALA A 213 1.46 2.53 -4.66
CA ALA A 213 1.80 1.98 -5.98
C ALA A 213 1.67 3.02 -7.09
N LEU A 214 0.62 3.83 -7.04
CA LEU A 214 0.38 4.85 -8.05
C LEU A 214 1.48 5.91 -8.06
N LYS A 215 2.10 6.14 -6.91
CA LYS A 215 3.09 7.23 -6.77
C LYS A 215 4.37 6.95 -7.57
N GLY A 216 4.59 5.70 -7.95
CA GLY A 216 5.76 5.34 -8.74
C GLY A 216 5.65 5.77 -10.20
N PRO A 217 6.73 6.32 -10.80
CA PRO A 217 6.71 6.88 -12.15
C PRO A 217 6.46 5.89 -13.29
N LEU A 218 6.45 4.59 -12.98
CA LEU A 218 6.11 3.59 -14.00
C LEU A 218 4.62 3.28 -14.02
N HIS A 219 3.86 3.97 -13.16
CA HIS A 219 2.42 3.84 -13.16
C HIS A 219 1.75 5.22 -13.13
N GLY A 220 2.04 6.00 -12.09
CA GLY A 220 1.63 7.40 -12.11
C GLY A 220 2.43 8.22 -13.10
N GLY A 221 1.95 9.42 -13.39
CA GLY A 221 2.74 10.40 -14.10
C GLY A 221 2.59 10.37 -15.61
N ALA A 222 1.67 9.57 -16.13
CA ALA A 222 1.56 9.39 -17.58
C ALA A 222 0.87 10.58 -18.27
N ALA A 223 -0.17 11.11 -17.64
CA ALA A 223 -0.84 12.29 -18.18
C ALA A 223 0.15 13.44 -18.24
N GLU A 224 0.98 13.57 -17.19
CA GLU A 224 1.92 14.69 -17.10
C GLU A 224 2.95 14.62 -18.22
N GLU A 225 3.50 13.42 -18.43
CA GLU A 225 4.58 13.27 -19.38
C GLU A 225 4.07 13.50 -20.81
N ALA A 226 2.86 13.01 -21.10
CA ALA A 226 2.28 13.23 -22.42
C ALA A 226 2.07 14.72 -22.67
N PHE A 227 1.45 15.41 -21.72
CA PHE A 227 1.17 16.84 -21.85
C PHE A 227 2.46 17.68 -22.01
N LYS A 228 3.51 17.27 -21.30
CA LYS A 228 4.75 18.03 -21.28
C LYS A 228 5.43 18.03 -22.65
N GLN A 229 5.14 17.02 -23.45
CA GLN A 229 5.56 17.02 -24.84
C GLN A 229 5.08 18.29 -25.53
N PHE A 230 3.78 18.57 -25.42
CA PHE A 230 3.19 19.72 -26.09
C PHE A 230 3.76 21.04 -25.57
N VAL A 231 3.96 21.13 -24.26
CA VAL A 231 4.58 22.30 -23.67
C VAL A 231 5.97 22.53 -24.26
N GLU A 232 6.73 21.45 -24.41
CA GLU A 232 8.07 21.54 -24.97
C GLU A 232 8.04 21.93 -26.46
N ILE A 233 7.10 21.37 -27.21
CA ILE A 233 6.94 21.74 -28.61
C ILE A 233 6.67 23.23 -28.78
N GLY A 234 5.82 23.79 -27.92
CA GLY A 234 5.74 25.24 -27.81
C GLY A 234 4.70 25.85 -28.73
N SER A 235 4.74 25.47 -30.01
CA SER A 235 3.79 25.98 -30.98
C SER A 235 3.55 24.94 -32.07
N VAL A 236 2.43 25.06 -32.76
CA VAL A 236 2.06 24.11 -33.79
C VAL A 236 3.09 24.09 -34.93
N GLU A 237 3.67 25.26 -35.20
CA GLU A 237 4.70 25.36 -36.23
C GLU A 237 5.93 24.52 -35.91
N ASN A 238 6.16 24.23 -34.63
CA ASN A 238 7.36 23.49 -34.23
C ASN A 238 7.15 21.99 -34.18
N ALA A 239 5.92 21.53 -34.44
CA ALA A 239 5.55 20.14 -34.17
C ALA A 239 6.31 19.14 -35.04
N ASP A 240 6.41 19.41 -36.33
CA ASP A 240 7.07 18.50 -37.26
C ASP A 240 8.55 18.35 -36.96
N LYS A 241 9.21 19.47 -36.71
CA LYS A 241 10.62 19.45 -36.32
C LYS A 241 10.84 18.57 -35.09
N TRP A 242 10.01 18.77 -34.06
CA TRP A 242 10.14 18.06 -32.79
C TRP A 242 9.96 16.56 -32.97
N PHE A 243 8.92 16.19 -33.70
CA PHE A 243 8.61 14.78 -33.94
C PHE A 243 9.77 14.06 -34.61
N GLU A 244 10.33 14.67 -35.66
CA GLU A 244 11.41 14.03 -36.40
C GLU A 244 12.64 13.90 -35.50
N GLU A 245 12.92 14.94 -34.72
CA GLU A 245 14.11 14.97 -33.88
C GLU A 245 14.01 13.98 -32.71
N LYS A 246 12.94 14.09 -31.92
CA LYS A 246 12.84 13.32 -30.70
C LYS A 246 12.39 11.88 -30.96
N ILE A 247 11.43 11.72 -31.86
CA ILE A 247 10.77 10.43 -32.04
C ILE A 247 11.38 9.58 -33.16
N ILE A 248 11.56 10.17 -34.33
CA ILE A 248 12.12 9.42 -35.46
C ILE A 248 13.64 9.24 -35.34
N LYS A 249 14.37 10.33 -35.18
CA LYS A 249 15.82 10.24 -35.05
C LYS A 249 16.26 9.81 -33.65
N GLY A 250 15.66 10.41 -32.62
CA GLY A 250 16.03 10.09 -31.26
C GLY A 250 15.40 8.81 -30.76
N LYS A 251 14.55 8.21 -31.60
CA LYS A 251 13.92 6.93 -31.28
C LYS A 251 13.33 6.88 -29.87
N SER A 252 13.01 8.05 -29.33
CA SER A 252 12.32 8.18 -28.06
C SER A 252 10.84 7.74 -28.20
N ARG A 253 10.22 7.35 -27.09
CA ARG A 253 8.82 6.93 -27.15
C ARG A 253 7.89 8.13 -27.20
N LEU A 254 6.89 8.05 -28.07
CA LEU A 254 5.83 9.05 -28.12
C LEU A 254 4.83 8.79 -26.99
N MET A 255 4.83 9.67 -25.99
CA MET A 255 4.02 9.48 -24.79
C MET A 255 2.55 9.75 -25.10
N GLY A 256 1.67 8.86 -24.65
CA GLY A 256 0.26 9.01 -24.97
C GLY A 256 -0.16 8.17 -26.15
N PHE A 257 0.81 7.47 -26.76
CA PHE A 257 0.53 6.49 -27.80
C PHE A 257 0.82 5.09 -27.29
N GLY A 258 0.06 4.12 -27.78
CA GLY A 258 0.33 2.72 -27.46
C GLY A 258 -0.46 2.19 -26.28
N HIS A 259 -0.67 0.88 -26.25
CA HIS A 259 -1.48 0.23 -25.23
C HIS A 259 -1.34 -1.30 -25.32
N ARG A 260 -1.40 -1.97 -24.16
CA ARG A 260 -1.28 -3.42 -24.11
C ARG A 260 -2.48 -4.15 -24.70
N VAL A 261 -3.65 -3.54 -24.68
CA VAL A 261 -4.86 -4.22 -25.12
C VAL A 261 -5.51 -3.57 -26.33
N TYR A 262 -5.57 -2.24 -26.35
CA TYR A 262 -6.06 -1.53 -27.53
C TYR A 262 -5.10 -1.60 -28.72
N LYS A 263 -5.63 -2.07 -29.85
CA LYS A 263 -4.86 -2.15 -31.09
C LYS A 263 -5.46 -1.18 -32.10
N THR A 264 -6.34 -0.32 -31.58
CA THR A 264 -6.93 0.77 -32.34
C THR A 264 -6.99 1.98 -31.38
N TYR A 265 -7.71 3.04 -31.75
CA TYR A 265 -7.85 4.18 -30.84
C TYR A 265 -8.51 3.74 -29.52
N ASP A 266 -7.91 4.12 -28.39
CA ASP A 266 -8.56 4.06 -27.09
C ASP A 266 -9.89 4.83 -27.13
N PRO A 267 -10.99 4.14 -26.80
CA PRO A 267 -12.25 4.91 -26.87
C PRO A 267 -12.25 6.11 -25.91
N ARG A 268 -11.46 6.00 -24.86
CA ARG A 268 -11.32 7.10 -23.92
C ARG A 268 -10.62 8.31 -24.51
N ALA A 269 -9.65 8.07 -25.40
CA ALA A 269 -8.89 9.15 -26.02
C ALA A 269 -9.77 9.95 -26.96
N LYS A 270 -10.68 9.28 -27.65
CA LYS A 270 -11.62 9.96 -28.52
C LYS A 270 -12.46 10.97 -27.73
N ILE A 271 -12.91 10.56 -26.55
CA ILE A 271 -13.80 11.41 -25.77
C ILE A 271 -13.03 12.57 -25.15
N PHE A 272 -11.88 12.30 -24.54
CA PHE A 272 -11.02 13.38 -24.07
C PHE A 272 -10.71 14.39 -25.17
N LYS A 273 -10.47 13.89 -26.38
CA LYS A 273 -10.14 14.77 -27.49
C LYS A 273 -11.31 15.73 -27.74
N THR A 274 -12.52 15.19 -27.84
CA THR A 274 -13.70 16.01 -28.12
C THR A 274 -13.91 17.04 -27.01
N LEU A 275 -13.64 16.64 -25.76
CA LEU A 275 -13.61 17.61 -24.67
C LEU A 275 -12.58 18.70 -24.92
N ALA A 276 -11.34 18.30 -25.19
CA ALA A 276 -10.29 19.25 -25.50
C ALA A 276 -10.72 20.17 -26.64
N LYS A 277 -11.22 19.57 -27.72
CA LYS A 277 -11.66 20.33 -28.87
C LYS A 277 -12.62 21.46 -28.49
N SER A 278 -13.53 21.18 -27.58
CA SER A 278 -14.57 22.16 -27.27
C SER A 278 -13.98 23.33 -26.50
N PHE A 279 -13.08 23.01 -25.57
CA PHE A 279 -12.43 24.04 -24.79
C PHE A 279 -11.59 24.90 -25.70
N ALA A 280 -10.97 24.27 -26.71
CA ALA A 280 -10.08 24.97 -27.62
C ALA A 280 -10.76 26.11 -28.36
N GLU A 281 -12.04 25.95 -28.69
CA GLU A 281 -12.69 26.97 -29.49
C GLU A 281 -13.12 28.18 -28.67
N LYS A 282 -13.01 28.07 -27.35
CA LYS A 282 -13.32 29.19 -26.48
C LYS A 282 -12.09 29.72 -25.73
N ASN A 283 -10.97 29.02 -25.81
CA ASN A 283 -9.77 29.44 -25.10
C ASN A 283 -8.49 29.28 -25.92
N GLU A 284 -7.73 30.36 -26.03
CA GLU A 284 -6.59 30.40 -26.94
C GLU A 284 -5.40 29.60 -26.45
N ASN A 285 -5.16 29.61 -25.15
CA ASN A 285 -4.11 28.79 -24.57
C ASN A 285 -4.39 27.29 -24.75
N VAL A 286 -5.64 26.89 -24.56
CA VAL A 286 -5.99 25.49 -24.78
C VAL A 286 -5.83 25.14 -26.27
N LYS A 287 -6.29 26.04 -27.13
CA LYS A 287 -6.26 25.83 -28.56
C LYS A 287 -4.82 25.63 -29.02
N LYS A 288 -3.91 26.40 -28.45
CA LYS A 288 -2.49 26.28 -28.75
C LYS A 288 -2.06 24.82 -28.58
N TYR A 289 -2.36 24.25 -27.42
CA TYR A 289 -1.86 22.92 -27.13
C TYR A 289 -2.66 21.87 -27.87
N TYR A 290 -3.96 22.11 -28.02
CA TYR A 290 -4.81 21.22 -28.80
C TYR A 290 -4.25 21.05 -30.21
N GLU A 291 -3.92 22.16 -30.85
CA GLU A 291 -3.51 22.12 -32.24
C GLU A 291 -2.16 21.42 -32.40
N ILE A 292 -1.25 21.70 -31.47
CA ILE A 292 -0.02 20.93 -31.35
C ILE A 292 -0.31 19.45 -31.21
N ALA A 293 -1.16 19.09 -30.24
CA ALA A 293 -1.52 17.69 -30.01
C ALA A 293 -2.14 17.02 -31.24
N GLU A 294 -3.00 17.75 -31.95
CA GLU A 294 -3.59 17.26 -33.21
C GLU A 294 -2.53 16.88 -34.23
N ARG A 295 -1.54 17.74 -34.41
CA ARG A 295 -0.53 17.53 -35.43
C ARG A 295 0.32 16.34 -35.04
N ILE A 296 0.65 16.27 -33.76
CA ILE A 296 1.45 15.15 -33.25
C ILE A 296 0.68 13.84 -33.41
N GLU A 297 -0.63 13.91 -33.19
CA GLU A 297 -1.47 12.72 -33.34
C GLU A 297 -1.41 12.23 -34.79
N LYS A 298 -1.51 13.13 -35.75
CA LYS A 298 -1.42 12.78 -37.16
C LYS A 298 -0.07 12.13 -37.52
N LEU A 299 1.02 12.79 -37.16
CA LEU A 299 2.35 12.22 -37.42
C LEU A 299 2.47 10.88 -36.71
N GLY A 300 1.98 10.83 -35.48
CA GLY A 300 2.00 9.60 -34.69
C GLY A 300 1.29 8.43 -35.36
N VAL A 301 0.07 8.66 -35.82
CA VAL A 301 -0.68 7.64 -36.53
C VAL A 301 0.04 7.22 -37.82
N ASP A 302 0.41 8.18 -38.66
CA ASP A 302 1.15 7.88 -39.89
C ASP A 302 2.35 6.98 -39.61
N THR A 303 3.01 7.19 -38.47
CA THR A 303 4.25 6.47 -38.17
C THR A 303 3.95 5.10 -37.59
N PHE A 304 2.99 5.04 -36.67
CA PHE A 304 2.82 3.88 -35.80
C PHE A 304 1.51 3.13 -36.00
N GLY A 305 0.59 3.75 -36.73
CA GLY A 305 -0.71 3.12 -36.94
C GLY A 305 -0.57 1.71 -37.46
N SER A 306 0.38 1.51 -38.37
CA SER A 306 0.54 0.24 -39.05
C SER A 306 1.05 -0.84 -38.10
N LYS A 307 1.63 -0.42 -36.98
CA LYS A 307 1.95 -1.36 -35.91
C LYS A 307 0.86 -1.36 -34.84
N HIS A 308 -0.35 -0.93 -35.20
CA HIS A 308 -1.48 -0.94 -34.27
C HIS A 308 -1.15 -0.17 -33.00
N ILE A 309 -0.45 0.94 -33.16
CA ILE A 309 -0.13 1.82 -32.05
C ILE A 309 -0.85 3.14 -32.28
N TYR A 310 -1.69 3.53 -31.32
CA TYR A 310 -2.60 4.65 -31.50
C TYR A 310 -2.64 5.52 -30.25
N PRO A 311 -3.28 6.70 -30.33
CA PRO A 311 -3.48 7.54 -29.14
C PRO A 311 -4.17 6.73 -28.05
N ASN A 312 -3.64 6.78 -26.84
CA ASN A 312 -4.32 6.21 -25.69
C ASN A 312 -4.90 7.30 -24.80
N THR A 313 -5.38 6.90 -23.63
CA THR A 313 -6.27 7.75 -22.84
C THR A 313 -5.52 8.95 -22.27
N ASP A 314 -4.19 8.85 -22.20
CA ASP A 314 -3.37 9.86 -21.56
C ASP A 314 -2.92 10.96 -22.52
N PHE A 315 -3.18 10.77 -23.82
CA PHE A 315 -2.71 11.71 -24.83
C PHE A 315 -3.41 13.07 -24.73
N TYR A 316 -4.72 13.06 -24.51
CA TYR A 316 -5.51 14.29 -24.52
C TYR A 316 -6.02 14.68 -23.14
N SER A 317 -5.81 13.82 -22.15
CA SER A 317 -6.46 14.03 -20.85
C SER A 317 -5.91 15.29 -20.17
N GLY A 318 -4.59 15.46 -20.25
CA GLY A 318 -3.96 16.58 -19.58
C GLY A 318 -4.35 17.93 -20.15
N ILE A 319 -4.60 18.00 -21.45
CA ILE A 319 -5.10 19.21 -22.07
C ILE A 319 -6.48 19.55 -21.52
N VAL A 320 -7.28 18.52 -21.24
CA VAL A 320 -8.56 18.73 -20.56
C VAL A 320 -8.38 19.26 -19.14
N PHE A 321 -7.50 18.62 -18.37
CA PHE A 321 -7.22 19.05 -17.00
C PHE A 321 -6.63 20.45 -16.97
N TYR A 322 -5.75 20.73 -17.92
CA TYR A 322 -5.23 22.08 -18.14
C TYR A 322 -6.35 23.08 -18.40
N ALA A 323 -7.27 22.74 -19.30
CA ALA A 323 -8.38 23.63 -19.66
C ALA A 323 -9.26 23.89 -18.43
N LEU A 324 -9.36 22.89 -17.58
CA LEU A 324 -10.10 23.01 -16.33
C LEU A 324 -9.38 23.84 -15.27
N GLY A 325 -8.14 24.26 -15.57
CA GLY A 325 -7.43 25.16 -14.68
C GLY A 325 -6.36 24.48 -13.84
N PHE A 326 -6.23 23.16 -13.96
CA PHE A 326 -5.33 22.41 -13.09
C PHE A 326 -3.87 22.50 -13.53
N PRO A 327 -2.97 22.74 -12.58
CA PRO A 327 -1.54 22.66 -12.89
C PRO A 327 -1.14 21.23 -13.17
N ILE A 328 0.00 21.06 -13.86
CA ILE A 328 0.44 19.76 -14.33
C ILE A 328 0.63 18.79 -13.17
N TYR A 329 1.13 19.31 -12.05
CA TYR A 329 1.43 18.46 -10.90
C TYR A 329 0.17 17.87 -10.26
N MET A 330 -1.01 18.23 -10.78
CA MET A 330 -2.25 17.66 -10.27
C MET A 330 -2.81 16.53 -11.16
N PHE A 331 -2.22 16.34 -12.33
CA PHE A 331 -2.85 15.47 -13.32
C PHE A 331 -3.07 14.06 -12.78
N THR A 332 -2.05 13.46 -12.18
CA THR A 332 -2.20 12.10 -11.66
C THR A 332 -3.15 12.01 -10.47
N SER A 333 -3.23 13.06 -9.67
CA SER A 333 -4.20 13.09 -8.58
C SER A 333 -5.63 13.06 -9.11
N LEU A 334 -5.85 13.69 -10.24
CA LEU A 334 -7.17 13.71 -10.86
C LEU A 334 -7.49 12.33 -11.41
N PHE A 335 -6.47 11.60 -11.86
CA PHE A 335 -6.63 10.19 -12.20
C PHE A 335 -7.03 9.40 -10.95
N ALA A 336 -6.38 9.68 -9.84
CA ALA A 336 -6.65 8.96 -8.59
C ALA A 336 -8.08 9.27 -8.13
N LEU A 337 -8.48 10.53 -8.30
CA LEU A 337 -9.80 10.97 -7.91
C LEU A 337 -10.89 10.20 -8.63
N SER A 338 -10.63 9.87 -9.89
CA SER A 338 -11.56 9.07 -10.69
C SER A 338 -11.43 7.56 -10.40
N ARG A 339 -10.19 7.07 -10.38
CA ARG A 339 -9.94 5.63 -10.34
C ARG A 339 -10.31 5.02 -8.98
N VAL A 340 -10.48 5.89 -7.97
CA VAL A 340 -10.83 5.41 -6.65
C VAL A 340 -12.16 4.64 -6.67
N LEU A 341 -13.07 5.05 -7.54
CA LEU A 341 -14.33 4.30 -7.70
C LEU A 341 -14.04 2.86 -8.11
N GLY A 342 -13.18 2.71 -9.11
CA GLY A 342 -12.75 1.39 -9.51
C GLY A 342 -12.00 0.64 -8.42
N TRP A 343 -11.06 1.29 -7.74
CA TRP A 343 -10.40 0.64 -6.61
C TRP A 343 -11.42 0.11 -5.60
N LEU A 344 -12.37 0.95 -5.21
CA LEU A 344 -13.36 0.57 -4.21
C LEU A 344 -14.26 -0.55 -4.71
N ALA A 345 -14.71 -0.45 -5.96
CA ALA A 345 -15.57 -1.48 -6.54
C ALA A 345 -14.85 -2.83 -6.54
N HIS A 346 -13.56 -2.82 -6.84
CA HIS A 346 -12.80 -4.05 -6.95
C HIS A 346 -12.54 -4.73 -5.60
N ILE A 347 -12.25 -3.95 -4.56
CA ILE A 347 -11.95 -4.56 -3.27
C ILE A 347 -13.23 -5.05 -2.57
N ILE A 348 -14.35 -4.39 -2.87
CA ILE A 348 -15.63 -4.85 -2.34
C ILE A 348 -16.02 -6.17 -3.00
N GLU A 349 -15.85 -6.26 -4.32
CA GLU A 349 -16.03 -7.53 -5.01
C GLU A 349 -15.16 -8.60 -4.37
N TYR A 350 -13.88 -8.28 -4.20
CA TYR A 350 -12.92 -9.25 -3.66
C TYR A 350 -13.35 -9.71 -2.27
N VAL A 351 -13.60 -8.75 -1.38
CA VAL A 351 -13.86 -9.10 0.01
C VAL A 351 -15.20 -9.81 0.13
N GLU A 352 -16.23 -9.28 -0.52
CA GLU A 352 -17.57 -9.87 -0.35
C GLU A 352 -17.80 -11.18 -1.10
N GLU A 353 -17.12 -11.34 -2.24
CA GLU A 353 -17.46 -12.46 -3.12
C GLU A 353 -16.31 -13.43 -3.46
N GLN A 354 -15.06 -13.02 -3.24
CA GLN A 354 -13.95 -13.83 -3.70
C GLN A 354 -12.78 -13.92 -2.71
N HIS A 355 -13.06 -13.76 -1.41
CA HIS A 355 -11.97 -13.44 -0.51
C HIS A 355 -11.05 -14.61 -0.26
N ARG A 356 -9.75 -14.32 -0.29
CA ARG A 356 -8.72 -15.28 0.05
C ARG A 356 -7.50 -14.44 0.43
N LEU A 357 -6.92 -14.71 1.59
CA LEU A 357 -5.69 -14.04 1.99
C LEU A 357 -4.63 -14.25 0.90
N ILE A 358 -3.89 -13.22 0.57
CA ILE A 358 -2.88 -13.34 -0.47
C ILE A 358 -1.48 -13.58 0.11
N ARG A 359 -0.81 -14.60 -0.40
CA ARG A 359 0.54 -14.95 0.01
C ARG A 359 1.24 -15.72 -1.11
N PRO A 360 1.91 -15.00 -2.02
CA PRO A 360 2.65 -15.65 -3.09
C PRO A 360 3.92 -16.32 -2.56
N ARG A 361 4.79 -16.74 -3.47
CA ARG A 361 6.00 -17.46 -3.09
C ARG A 361 7.24 -16.78 -3.66
N ALA A 362 8.38 -16.97 -3.00
CA ALA A 362 9.68 -16.63 -3.57
C ALA A 362 10.50 -17.90 -3.80
N LEU A 363 11.27 -17.94 -4.88
CA LEU A 363 12.11 -19.11 -5.13
C LEU A 363 13.50 -18.88 -4.56
N TYR A 364 13.94 -19.74 -3.65
CA TYR A 364 15.25 -19.52 -3.05
C TYR A 364 16.36 -19.97 -3.98
N ILE A 365 17.14 -19.01 -4.43
CA ILE A 365 18.50 -19.23 -4.84
C ILE A 365 19.31 -18.52 -3.78
N GLY A 366 20.60 -18.35 -4.01
CA GLY A 366 21.42 -17.76 -2.98
C GLY A 366 22.12 -18.79 -2.10
N PRO A 367 22.86 -18.35 -1.07
CA PRO A 367 23.87 -19.18 -0.39
C PRO A 367 23.35 -20.47 0.25
N GLU A 368 24.09 -21.55 0.04
CA GLU A 368 23.91 -22.79 0.78
C GLU A 368 24.18 -22.57 2.28
N LYS A 369 23.65 -23.48 3.11
CA LYS A 369 23.94 -23.46 4.53
C LYS A 369 25.44 -23.33 4.79
N ARG A 370 25.78 -22.64 5.87
CA ARG A 370 27.17 -22.47 6.24
C ARG A 370 27.29 -22.16 7.73
N GLU A 371 28.43 -22.53 8.30
CA GLU A 371 28.63 -22.37 9.73
C GLU A 371 28.90 -20.92 10.09
N PHE A 372 28.48 -20.51 11.26
CA PHE A 372 28.68 -19.14 11.69
C PHE A 372 30.14 -18.73 11.66
N LYS A 373 30.40 -17.47 11.33
CA LYS A 373 31.75 -16.95 11.26
C LYS A 373 31.96 -15.76 12.21
N PRO A 374 32.66 -15.98 13.34
CA PRO A 374 32.88 -14.86 14.25
C PRO A 374 33.50 -13.65 13.56
N ILE A 375 33.27 -12.48 14.11
CA ILE A 375 33.59 -11.24 13.42
C ILE A 375 35.11 -11.08 13.18
N GLU A 376 35.93 -11.65 14.05
CA GLU A 376 37.38 -11.52 13.91
C GLU A 376 37.92 -12.32 12.74
N LEU A 377 37.13 -13.25 12.23
CA LEU A 377 37.56 -14.07 11.12
C LEU A 377 37.01 -13.57 9.78
N ARG A 378 36.31 -12.43 9.80
CA ARG A 378 35.63 -11.95 8.60
C ARG A 378 36.50 -11.05 7.75
N VAL B 3 -13.52 -20.99 -12.17
CA VAL B 3 -12.65 -20.01 -12.88
C VAL B 3 -11.17 -20.26 -12.59
N GLU B 4 -10.33 -19.91 -13.57
CA GLU B 4 -8.91 -20.26 -13.56
C GLU B 4 -8.10 -19.30 -12.68
N VAL B 5 -8.75 -18.75 -11.66
CA VAL B 5 -8.13 -17.72 -10.81
C VAL B 5 -7.03 -18.32 -9.93
N SER B 6 -5.90 -17.62 -9.82
CA SER B 6 -4.86 -18.00 -8.87
C SER B 6 -5.22 -17.56 -7.45
N ARG B 7 -5.99 -18.41 -6.75
CA ARG B 7 -6.53 -18.07 -5.44
C ARG B 7 -5.42 -17.79 -4.42
N GLY B 8 -5.44 -16.58 -3.86
CA GLY B 8 -4.45 -16.20 -2.87
C GLY B 8 -3.04 -16.06 -3.42
N LEU B 9 -2.93 -16.03 -4.74
CA LEU B 9 -1.65 -16.19 -5.44
C LEU B 9 -0.79 -17.34 -4.88
N GLU B 10 -1.43 -18.40 -4.43
CA GLU B 10 -0.76 -19.39 -3.61
C GLU B 10 0.44 -20.08 -4.26
N ASN B 11 0.34 -20.40 -5.54
CA ASN B 11 1.42 -21.13 -6.19
C ASN B 11 2.37 -20.17 -6.90
N VAL B 12 2.04 -18.89 -6.87
CA VAL B 12 2.70 -17.91 -7.74
C VAL B 12 4.03 -17.48 -7.15
N ILE B 13 5.09 -17.73 -7.92
CA ILE B 13 6.41 -17.24 -7.58
C ILE B 13 6.56 -15.83 -8.13
N ILE B 14 6.47 -14.85 -7.24
CA ILE B 14 6.47 -13.44 -7.64
C ILE B 14 7.90 -12.95 -7.91
N LYS B 15 8.87 -13.65 -7.32
CA LYS B 15 10.28 -13.36 -7.55
C LYS B 15 11.18 -14.45 -6.99
N THR B 16 12.47 -14.37 -7.32
CA THR B 16 13.48 -15.15 -6.62
C THR B 16 14.01 -14.33 -5.44
N THR B 17 14.70 -15.00 -4.52
CA THR B 17 15.41 -14.32 -3.45
C THR B 17 16.68 -15.04 -3.04
N GLY B 18 17.69 -14.29 -2.64
CA GLY B 18 18.89 -14.89 -2.07
C GLY B 18 18.91 -14.74 -0.57
N LEU B 19 17.77 -14.33 -0.01
CA LEU B 19 17.75 -13.71 1.31
C LEU B 19 17.50 -14.74 2.40
N THR B 20 16.40 -15.46 2.27
CA THR B 20 15.88 -16.26 3.37
C THR B 20 15.42 -17.63 2.88
N TYR B 21 15.75 -18.67 3.63
CA TYR B 21 15.38 -20.02 3.26
C TYR B 21 14.78 -20.83 4.39
N ILE B 22 13.55 -21.30 4.16
CA ILE B 22 12.83 -22.13 5.10
C ILE B 22 12.92 -23.59 4.65
N ASP B 23 13.48 -24.43 5.52
CA ASP B 23 13.44 -25.87 5.35
C ASP B 23 12.38 -26.39 6.30
N GLY B 24 11.17 -26.56 5.81
CA GLY B 24 10.05 -26.92 6.66
C GLY B 24 10.17 -28.34 7.22
N ILE B 25 10.89 -29.19 6.50
CA ILE B 25 11.01 -30.59 6.91
C ILE B 25 11.87 -30.70 8.16
N ASN B 26 13.05 -30.09 8.13
CA ASN B 26 13.97 -30.15 9.26
C ASN B 26 13.76 -29.05 10.28
N GLY B 27 12.85 -28.12 9.99
CA GLY B 27 12.57 -27.04 10.92
C GLY B 27 13.76 -26.13 11.15
N ILE B 28 14.43 -25.73 10.08
CA ILE B 28 15.57 -24.83 10.16
C ILE B 28 15.36 -23.59 9.30
N LEU B 29 15.64 -22.42 9.87
CA LEU B 29 15.51 -21.16 9.16
C LEU B 29 16.86 -20.47 9.01
N ARG B 30 17.20 -20.09 7.78
CA ARG B 30 18.47 -19.42 7.52
C ARG B 30 18.28 -18.07 6.86
N TYR B 31 18.99 -17.06 7.35
CA TYR B 31 19.23 -15.83 6.59
C TYR B 31 20.57 -15.92 5.88
N ARG B 32 20.54 -15.88 4.56
CA ARG B 32 21.77 -15.91 3.77
C ARG B 32 22.68 -17.08 4.17
N GLY B 33 22.06 -18.23 4.44
CA GLY B 33 22.81 -19.43 4.70
C GLY B 33 23.13 -19.66 6.17
N TYR B 34 22.95 -18.63 7.00
CA TYR B 34 23.24 -18.74 8.43
C TYR B 34 22.02 -19.13 9.25
N ASP B 35 22.18 -20.16 10.06
CA ASP B 35 21.12 -20.58 10.98
C ASP B 35 20.72 -19.42 11.87
N ILE B 36 19.41 -19.16 11.97
CA ILE B 36 18.93 -18.05 12.77
C ILE B 36 19.29 -18.23 14.24
N ASN B 37 19.47 -19.47 14.65
CA ASN B 37 19.94 -19.72 16.02
C ASN B 37 21.32 -19.13 16.27
N ASP B 38 22.22 -19.27 15.30
CA ASP B 38 23.56 -18.69 15.41
C ASP B 38 23.51 -17.17 15.40
N LEU B 39 22.67 -16.62 14.53
CA LEU B 39 22.58 -15.17 14.42
C LEU B 39 22.09 -14.57 15.73
N VAL B 40 21.06 -15.18 16.32
CA VAL B 40 20.55 -14.69 17.59
C VAL B 40 21.60 -14.87 18.67
N ASN B 41 22.22 -16.05 18.70
CA ASN B 41 23.13 -16.38 19.79
C ASN B 41 24.42 -15.57 19.74
N TYR B 42 24.93 -15.33 18.54
CA TYR B 42 26.31 -14.86 18.41
C TYR B 42 26.46 -13.56 17.61
N ALA B 43 25.38 -13.12 16.98
CA ALA B 43 25.41 -11.87 16.23
C ALA B 43 24.45 -10.85 16.83
N SER B 44 23.81 -10.07 15.98
CA SER B 44 23.02 -8.92 16.43
C SER B 44 22.25 -8.32 15.25
N TYR B 45 21.21 -7.53 15.55
CA TYR B 45 20.40 -6.92 14.50
C TYR B 45 21.24 -6.11 13.53
N GLU B 46 22.24 -5.38 14.03
CA GLU B 46 23.06 -4.56 13.15
C GLU B 46 23.83 -5.42 12.16
N GLU B 47 24.37 -6.53 12.63
CA GLU B 47 25.09 -7.42 11.73
C GLU B 47 24.14 -8.06 10.72
N LEU B 48 22.93 -8.36 11.17
CA LEU B 48 21.93 -8.92 10.26
C LEU B 48 21.55 -7.89 9.20
N ILE B 49 21.38 -6.64 9.62
CA ILE B 49 21.14 -5.57 8.66
C ILE B 49 22.17 -5.61 7.51
N HIS B 50 23.45 -5.68 7.87
CA HIS B 50 24.52 -5.73 6.87
C HIS B 50 24.43 -7.05 6.09
N LEU B 51 24.17 -8.15 6.79
CA LEU B 51 24.04 -9.46 6.13
C LEU B 51 22.96 -9.44 5.05
N MET B 52 21.78 -8.93 5.38
CA MET B 52 20.67 -8.95 4.42
C MET B 52 20.84 -7.94 3.28
N LEU B 53 21.37 -6.76 3.57
CA LEU B 53 21.49 -5.72 2.56
C LEU B 53 22.73 -5.87 1.70
N TYR B 54 23.86 -6.24 2.32
CA TYR B 54 25.12 -6.30 1.61
C TYR B 54 25.50 -7.72 1.22
N GLY B 55 24.99 -8.70 1.97
CA GLY B 55 25.12 -10.09 1.55
C GLY B 55 26.07 -10.94 2.38
N GLU B 56 26.94 -10.33 3.17
CA GLU B 56 27.80 -11.09 4.07
C GLU B 56 27.71 -10.52 5.48
N LEU B 57 28.13 -11.29 6.47
CA LEU B 57 28.34 -10.74 7.82
C LEU B 57 29.46 -9.70 7.76
N PRO B 58 29.30 -8.58 8.49
CA PRO B 58 30.27 -7.48 8.41
C PRO B 58 31.51 -7.69 9.27
N ASN B 59 32.68 -7.29 8.76
CA ASN B 59 33.84 -7.18 9.64
C ASN B 59 33.65 -5.99 10.57
N ARG B 60 34.61 -5.77 11.46
CA ARG B 60 34.48 -4.72 12.46
C ARG B 60 34.18 -3.38 11.80
N GLN B 61 34.98 -3.06 10.79
CA GLN B 61 34.92 -1.76 10.13
C GLN B 61 33.57 -1.55 9.43
N GLN B 62 33.11 -2.55 8.70
CA GLN B 62 31.79 -2.48 8.07
C GLN B 62 30.67 -2.38 9.11
N LEU B 63 30.78 -3.16 10.18
CA LEU B 63 29.82 -3.09 11.27
C LEU B 63 29.77 -1.69 11.86
N ASN B 64 30.94 -1.08 12.04
CA ASN B 64 30.98 0.26 12.60
C ASN B 64 30.37 1.30 11.65
N GLN B 65 30.48 1.04 10.34
CA GLN B 65 29.85 1.88 9.35
C GLN B 65 28.32 1.82 9.42
N ILE B 66 27.78 0.61 9.56
CA ILE B 66 26.33 0.42 9.80
C ILE B 66 25.82 1.19 11.01
N LYS B 67 26.53 1.06 12.13
CA LYS B 67 26.13 1.73 13.37
C LYS B 67 26.20 3.25 13.23
N GLY B 68 27.21 3.73 12.50
CA GLY B 68 27.35 5.14 12.27
C GLY B 68 26.21 5.74 11.47
N ILE B 69 25.74 5.03 10.46
CA ILE B 69 24.57 5.48 9.70
C ILE B 69 23.34 5.53 10.59
N ILE B 70 23.08 4.44 11.31
CA ILE B 70 21.95 4.36 12.21
C ILE B 70 21.97 5.56 13.15
N ASN B 71 23.10 5.75 13.82
CA ASN B 71 23.21 6.73 14.90
C ASN B 71 23.11 8.17 14.43
N GLU B 72 23.32 8.41 13.15
CA GLU B 72 23.10 9.74 12.59
C GLU B 72 21.76 9.86 11.88
N SER B 73 20.88 8.87 12.02
CA SER B 73 19.67 8.84 11.21
C SER B 73 18.34 8.75 11.98
N PHE B 74 18.38 8.90 13.30
CA PHE B 74 17.16 8.78 14.10
C PHE B 74 16.15 9.92 13.92
N GLU B 75 16.63 11.14 13.70
CA GLU B 75 15.72 12.28 13.61
C GLU B 75 14.83 12.14 12.38
N VAL B 76 13.56 12.51 12.53
CA VAL B 76 12.60 12.56 11.43
C VAL B 76 12.08 13.99 11.27
N PRO B 77 11.44 14.31 10.14
CA PRO B 77 10.85 15.65 9.96
C PRO B 77 9.87 16.03 11.06
N GLU B 78 9.80 17.30 11.43
CA GLU B 78 8.95 17.69 12.54
C GLU B 78 7.49 17.34 12.29
N GLN B 79 7.07 17.38 11.03
CA GLN B 79 5.69 17.04 10.68
C GLN B 79 5.31 15.58 11.02
N VAL B 80 6.28 14.67 10.99
CA VAL B 80 6.01 13.29 11.41
C VAL B 80 5.62 13.24 12.88
N ILE B 81 6.43 13.86 13.73
CA ILE B 81 6.19 13.84 15.16
C ILE B 81 4.92 14.60 15.52
N SER B 82 4.80 15.84 15.05
CA SER B 82 3.59 16.61 15.31
C SER B 82 2.32 15.87 14.87
N THR B 83 2.35 15.26 13.70
CA THR B 83 1.18 14.54 13.23
C THR B 83 0.89 13.35 14.14
N ILE B 84 1.93 12.60 14.51
CA ILE B 84 1.72 11.41 15.36
C ILE B 84 1.06 11.78 16.69
N PHE B 85 1.48 12.90 17.26
CA PHE B 85 1.02 13.30 18.59
C PHE B 85 -0.27 14.12 18.57
N SER B 86 -0.71 14.54 17.38
CA SER B 86 -2.02 15.16 17.22
C SER B 86 -3.11 14.12 17.03
N MET B 87 -2.73 12.87 16.78
CA MET B 87 -3.71 11.82 16.49
C MET B 87 -4.46 11.45 17.76
N PRO B 88 -5.74 11.06 17.62
CA PRO B 88 -6.45 10.51 18.78
C PRO B 88 -5.72 9.32 19.35
N ARG B 89 -5.66 9.24 20.68
CA ARG B 89 -4.74 8.34 21.37
C ARG B 89 -5.14 6.87 21.22
N ASN B 90 -6.35 6.62 20.72
CA ASN B 90 -6.79 5.25 20.54
C ASN B 90 -6.65 4.78 19.10
N CYS B 91 -5.99 5.59 18.26
CA CYS B 91 -5.73 5.18 16.87
C CYS B 91 -4.89 3.92 16.82
N ASP B 92 -5.21 3.05 15.86
CA ASP B 92 -4.44 1.84 15.64
C ASP B 92 -2.99 2.21 15.34
N ALA B 93 -2.04 1.50 15.94
CA ALA B 93 -0.66 1.91 15.86
C ALA B 93 -0.13 1.74 14.45
N ILE B 94 -0.66 0.77 13.71
CA ILE B 94 -0.22 0.56 12.33
C ILE B 94 -0.80 1.64 11.43
N GLY B 95 -1.99 2.13 11.77
CA GLY B 95 -2.53 3.27 11.08
C GLY B 95 -1.66 4.51 11.23
N MET B 96 -1.17 4.73 12.45
CA MET B 96 -0.28 5.84 12.70
C MET B 96 1.03 5.63 11.96
N MET B 97 1.48 4.39 11.88
CA MET B 97 2.75 4.11 11.22
C MET B 97 2.66 4.34 9.71
N GLU B 98 1.62 3.81 9.08
CA GLU B 98 1.45 4.04 7.64
C GLU B 98 1.33 5.54 7.35
N THR B 99 0.63 6.27 8.22
CA THR B 99 0.58 7.73 8.10
C THR B 99 1.96 8.37 8.22
N ALA B 100 2.71 7.98 9.23
CA ALA B 100 4.06 8.50 9.44
C ALA B 100 4.92 8.29 8.20
N PHE B 101 4.83 7.11 7.61
CA PHE B 101 5.67 6.77 6.46
C PHE B 101 5.24 7.48 5.18
N GLY B 102 3.95 7.78 5.04
CA GLY B 102 3.53 8.71 4.00
C GLY B 102 4.21 10.07 4.09
N ILE B 103 4.31 10.62 5.30
CA ILE B 103 4.99 11.91 5.49
C ILE B 103 6.51 11.81 5.20
N LEU B 104 7.14 10.72 5.61
CA LEU B 104 8.53 10.45 5.22
C LEU B 104 8.70 10.44 3.71
N ALA B 105 7.81 9.73 3.02
CA ALA B 105 7.79 9.68 1.56
C ALA B 105 7.66 11.08 0.96
N SER B 106 6.70 11.84 1.46
CA SER B 106 6.36 13.12 0.85
C SER B 106 7.54 14.08 0.99
N ILE B 107 8.27 13.96 2.09
CA ILE B 107 9.31 14.95 2.41
C ILE B 107 10.69 14.53 1.92
N TYR B 108 11.06 13.26 2.09
CA TYR B 108 12.37 12.79 1.63
C TYR B 108 12.30 12.41 0.16
N ASP B 109 11.28 11.65 -0.21
CA ASP B 109 11.06 11.29 -1.60
C ASP B 109 12.37 10.86 -2.27
N PRO B 110 13.02 9.82 -1.73
CA PRO B 110 14.29 9.32 -2.26
C PRO B 110 14.15 8.75 -3.67
N LYS B 111 15.17 8.97 -4.48
CA LYS B 111 15.27 8.26 -5.75
C LYS B 111 15.86 6.88 -5.53
N TRP B 112 15.47 5.94 -6.38
CA TRP B 112 16.17 4.67 -6.50
C TRP B 112 17.52 4.88 -7.19
N ASN B 113 18.56 4.32 -6.59
CA ASN B 113 19.90 4.37 -7.16
C ASN B 113 20.80 3.34 -6.48
N ARG B 114 21.40 2.46 -7.30
CA ARG B 114 22.29 1.40 -6.82
C ARG B 114 23.34 1.93 -5.85
N ALA B 115 23.80 3.15 -6.06
CA ALA B 115 24.91 3.68 -5.28
C ALA B 115 24.47 4.01 -3.86
N THR B 116 23.18 4.19 -3.65
CA THR B 116 22.75 4.64 -2.33
C THR B 116 21.59 3.87 -1.68
N ASN B 117 20.99 2.92 -2.40
CA ASN B 117 19.83 2.18 -1.88
C ASN B 117 20.08 1.52 -0.53
N LYS B 118 21.24 0.91 -0.35
CA LYS B 118 21.51 0.18 0.87
C LYS B 118 21.61 1.14 2.04
N GLU B 119 22.36 2.22 1.86
CA GLU B 119 22.48 3.21 2.92
C GLU B 119 21.12 3.85 3.26
N LEU B 120 20.31 4.09 2.24
CA LEU B 120 18.95 4.58 2.45
C LEU B 120 18.17 3.62 3.34
N ALA B 121 18.26 2.32 3.05
CA ALA B 121 17.53 1.32 3.83
C ALA B 121 17.92 1.35 5.31
N VAL B 122 19.22 1.46 5.57
CA VAL B 122 19.70 1.58 6.95
C VAL B 122 19.16 2.86 7.63
N GLN B 123 19.12 3.96 6.88
CA GLN B 123 18.49 5.17 7.39
C GLN B 123 17.00 4.97 7.71
N ILE B 124 16.29 4.25 6.86
CA ILE B 124 14.87 3.99 7.10
C ILE B 124 14.69 3.14 8.35
N ILE B 125 15.56 2.16 8.51
CA ILE B 125 15.52 1.32 9.70
C ILE B 125 15.71 2.15 10.98
N ALA B 126 16.60 3.12 10.95
CA ALA B 126 16.77 4.02 12.09
C ALA B 126 15.47 4.74 12.39
N LYS B 127 14.84 5.28 11.35
CA LYS B 127 13.67 6.11 11.53
C LYS B 127 12.45 5.30 11.91
N THR B 128 12.45 4.00 11.59
CA THR B 128 11.35 3.12 11.99
C THR B 128 11.35 2.96 13.50
N ALA B 129 12.53 2.89 14.09
CA ALA B 129 12.66 2.87 15.55
C ALA B 129 12.09 4.16 16.17
N THR B 130 12.40 5.30 15.58
CA THR B 130 11.95 6.58 16.12
C THR B 130 10.42 6.62 16.12
N ILE B 131 9.85 6.20 15.00
CA ILE B 131 8.41 6.26 14.79
C ILE B 131 7.68 5.26 15.70
N THR B 132 8.17 4.03 15.77
CA THR B 132 7.56 3.04 16.64
C THR B 132 7.61 3.48 18.09
N ALA B 133 8.78 3.95 18.53
CA ALA B 133 8.96 4.35 19.93
C ALA B 133 7.98 5.46 20.31
N ASN B 134 7.79 6.42 19.40
CA ASN B 134 6.94 7.58 19.67
C ASN B 134 5.46 7.34 19.40
N ILE B 135 5.13 6.26 18.69
CA ILE B 135 3.72 5.89 18.56
C ILE B 135 3.19 5.35 19.89
N TYR B 136 3.99 4.53 20.56
CA TYR B 136 3.76 4.18 21.96
C TYR B 136 3.60 5.41 22.85
N ARG B 137 4.54 6.34 22.75
CA ARG B 137 4.55 7.47 23.66
C ARG B 137 3.32 8.37 23.42
N ALA B 138 2.98 8.59 22.16
CA ALA B 138 1.78 9.31 21.78
C ALA B 138 0.50 8.66 22.34
N LYS B 139 0.34 7.36 22.12
CA LYS B 139 -0.86 6.67 22.57
C LYS B 139 -0.97 6.66 24.10
N GLU B 140 0.17 6.74 24.78
CA GLU B 140 0.20 6.84 26.24
C GLU B 140 0.05 8.27 26.73
N GLY B 141 -0.05 9.22 25.80
CA GLY B 141 -0.19 10.61 26.20
C GLY B 141 1.07 11.21 26.79
N LEU B 142 2.22 10.70 26.38
CA LEU B 142 3.51 11.24 26.83
C LEU B 142 4.02 12.27 25.83
N LYS B 143 5.15 12.89 26.14
CA LYS B 143 5.81 13.78 25.17
C LYS B 143 6.74 12.98 24.24
N PRO B 144 7.10 13.56 23.09
CA PRO B 144 8.00 12.82 22.19
C PRO B 144 9.41 12.64 22.75
N LYS B 145 10.13 11.67 22.20
CA LYS B 145 11.51 11.42 22.59
C LYS B 145 12.22 10.72 21.44
N ILE B 146 13.20 11.39 20.85
CA ILE B 146 13.90 10.84 19.70
C ILE B 146 15.01 9.91 20.17
N PRO B 147 15.13 8.72 19.55
CA PRO B 147 16.23 7.82 19.91
C PRO B 147 17.59 8.52 19.80
N GLU B 148 18.52 8.13 20.67
CA GLU B 148 19.83 8.75 20.69
C GLU B 148 20.88 7.68 20.47
N PRO B 149 22.04 8.07 19.92
CA PRO B 149 23.10 7.08 19.75
C PRO B 149 23.36 6.36 21.07
N SER B 150 23.56 5.05 21.01
CA SER B 150 23.97 4.26 22.16
C SER B 150 24.73 3.05 21.63
N GLU B 151 24.98 2.07 22.50
CA GLU B 151 25.82 0.95 22.13
C GLU B 151 25.13 -0.05 21.22
N SER B 152 23.81 0.04 21.11
CA SER B 152 23.10 -0.79 20.15
C SER B 152 21.79 -0.17 19.68
N TYR B 153 21.36 -0.60 18.50
CA TYR B 153 20.07 -0.21 17.96
C TYR B 153 18.95 -0.57 18.93
N ALA B 154 18.97 -1.80 19.41
CA ALA B 154 17.93 -2.24 20.33
C ALA B 154 17.91 -1.40 21.60
N GLU B 155 19.08 -1.01 22.10
CA GLU B 155 19.09 -0.16 23.29
C GLU B 155 18.55 1.24 22.97
N SER B 156 18.95 1.80 21.84
CA SER B 156 18.50 3.15 21.48
C SER B 156 16.97 3.21 21.38
N PHE B 157 16.38 2.15 20.82
CA PHE B 157 14.94 2.06 20.64
C PHE B 157 14.22 1.96 21.99
N LEU B 158 14.68 1.03 22.83
CA LEU B 158 14.04 0.80 24.13
C LEU B 158 14.16 2.01 25.07
N ALA B 159 15.30 2.70 25.02
CA ALA B 159 15.53 3.86 25.85
C ALA B 159 14.55 4.99 25.48
N ALA B 160 14.38 5.24 24.19
CA ALA B 160 13.47 6.27 23.75
C ALA B 160 12.05 5.89 24.13
N THR B 161 11.69 4.65 23.83
CA THR B 161 10.34 4.15 24.11
C THR B 161 9.92 4.39 25.56
N PHE B 162 10.76 3.97 26.51
CA PHE B 162 10.36 3.92 27.91
C PHE B 162 10.97 5.01 28.79
N GLY B 163 11.86 5.81 28.23
CA GLY B 163 12.33 6.99 28.94
C GLY B 163 13.30 6.66 30.08
N LYS B 164 13.99 5.53 29.95
CA LYS B 164 14.95 5.08 30.94
C LYS B 164 15.87 4.07 30.29
N LYS B 165 17.00 3.80 30.93
CA LYS B 165 17.97 2.84 30.39
C LYS B 165 17.47 1.42 30.60
N PRO B 166 17.30 0.66 29.49
CA PRO B 166 16.90 -0.74 29.63
C PRO B 166 17.99 -1.59 30.28
N THR B 167 17.56 -2.64 30.98
CA THR B 167 18.45 -3.69 31.48
C THR B 167 19.09 -4.44 30.31
N GLN B 168 20.20 -5.11 30.58
CA GLN B 168 20.90 -5.88 29.55
C GLN B 168 20.06 -7.04 29.03
N GLU B 169 19.24 -7.61 29.90
CA GLU B 169 18.35 -8.69 29.50
C GLU B 169 17.29 -8.17 28.52
N GLU B 170 16.79 -6.97 28.79
CA GLU B 170 15.80 -6.37 27.91
C GLU B 170 16.40 -6.10 26.53
N ILE B 171 17.59 -5.53 26.52
CA ILE B 171 18.27 -5.20 25.27
C ILE B 171 18.49 -6.46 24.42
N LYS B 172 18.97 -7.52 25.05
CA LYS B 172 19.25 -8.77 24.34
C LYS B 172 17.96 -9.35 23.76
N ALA B 173 16.89 -9.34 24.55
CA ALA B 173 15.63 -9.89 24.09
C ALA B 173 15.09 -9.11 22.89
N MET B 174 15.23 -7.78 22.94
CA MET B 174 14.76 -6.92 21.86
C MET B 174 15.58 -7.17 20.59
N ASP B 175 16.89 -7.29 20.78
CA ASP B 175 17.80 -7.57 19.69
C ASP B 175 17.45 -8.91 19.05
N ALA B 176 17.22 -9.91 19.89
CA ALA B 176 16.76 -11.21 19.42
C ALA B 176 15.47 -11.08 18.61
N SER B 177 14.49 -10.36 19.14
CA SER B 177 13.20 -10.20 18.47
C SER B 177 13.32 -9.55 17.09
N LEU B 178 14.18 -8.54 16.96
CA LEU B 178 14.42 -7.88 15.68
C LEU B 178 14.99 -8.88 14.66
N ILE B 179 15.88 -9.74 15.11
CA ILE B 179 16.43 -10.80 14.26
C ILE B 179 15.36 -11.82 13.90
N LEU B 180 14.54 -12.19 14.88
CA LEU B 180 13.60 -13.29 14.73
C LEU B 180 12.53 -13.02 13.67
N TYR B 181 12.08 -11.77 13.54
CA TYR B 181 10.98 -11.44 12.64
C TYR B 181 11.45 -10.70 11.38
N THR B 182 12.74 -10.74 11.11
CA THR B 182 13.29 -9.96 10.01
C THR B 182 12.77 -10.40 8.63
N ASP B 183 12.54 -11.70 8.46
CA ASP B 183 11.99 -12.20 7.19
C ASP B 183 11.54 -13.67 7.25
N HIS B 184 10.55 -14.02 6.43
CA HIS B 184 9.88 -15.32 6.48
C HIS B 184 8.69 -15.30 5.51
N GLU B 185 8.69 -16.22 4.55
CA GLU B 185 7.66 -16.25 3.52
C GLU B 185 7.48 -14.88 2.89
N VAL B 186 6.52 -14.80 1.97
CA VAL B 186 6.16 -13.55 1.32
C VAL B 186 4.69 -13.24 1.59
N PRO B 187 4.36 -12.74 2.79
CA PRO B 187 2.97 -12.45 3.12
C PRO B 187 2.50 -11.15 2.48
N ALA B 188 1.26 -10.76 2.77
CA ALA B 188 0.61 -9.70 2.02
C ALA B 188 1.39 -8.39 2.15
N SER B 189 1.96 -8.11 3.32
CA SER B 189 2.72 -6.88 3.50
C SER B 189 3.93 -6.84 2.56
N THR B 190 4.74 -7.88 2.58
CA THR B 190 5.91 -7.93 1.70
C THR B 190 5.46 -7.88 0.25
N THR B 191 4.33 -8.51 -0.04
CA THR B 191 3.77 -8.50 -1.37
C THR B 191 3.38 -7.08 -1.78
N ALA B 192 2.66 -6.38 -0.90
CA ALA B 192 2.25 -5.01 -1.19
C ALA B 192 3.48 -4.14 -1.45
N ALA B 193 4.51 -4.26 -0.63
CA ALA B 193 5.75 -3.52 -0.82
C ALA B 193 6.37 -3.79 -2.20
N LEU B 194 6.42 -5.06 -2.60
CA LEU B 194 6.94 -5.42 -3.91
C LEU B 194 6.11 -4.83 -5.05
N VAL B 195 4.78 -4.86 -4.91
CA VAL B 195 3.92 -4.27 -5.94
C VAL B 195 4.23 -2.78 -6.08
N ALA B 196 4.40 -2.09 -4.97
CA ALA B 196 4.73 -0.66 -4.99
C ALA B 196 6.12 -0.43 -5.60
N SER B 197 7.08 -1.27 -5.24
CA SER B 197 8.42 -1.15 -5.80
C SER B 197 8.45 -1.44 -7.30
N SER B 198 7.50 -2.22 -7.80
CA SER B 198 7.51 -2.57 -9.21
C SER B 198 7.21 -1.36 -10.09
N THR B 199 6.62 -0.32 -9.50
CA THR B 199 6.37 0.92 -10.23
C THR B 199 7.45 1.95 -9.94
N LEU B 200 8.45 1.55 -9.14
CA LEU B 200 9.50 2.44 -8.66
C LEU B 200 8.96 3.58 -7.79
N SER B 201 7.83 3.34 -7.13
CA SER B 201 7.44 4.15 -5.98
C SER B 201 8.58 4.23 -4.98
N ASP B 202 8.76 5.39 -4.36
CA ASP B 202 9.92 5.62 -3.51
C ASP B 202 9.92 4.65 -2.35
N MET B 203 11.11 4.39 -1.80
CA MET B 203 11.31 3.31 -0.85
C MET B 203 10.37 3.46 0.35
N TYR B 204 10.23 4.68 0.87
CA TYR B 204 9.33 4.93 2.01
C TYR B 204 7.89 4.55 1.67
N SER B 205 7.42 4.91 0.48
CA SER B 205 6.05 4.56 0.10
C SER B 205 5.87 3.04 -0.06
N CYS B 206 6.93 2.33 -0.39
CA CYS B 206 6.87 0.87 -0.46
C CYS B 206 6.60 0.31 0.92
N ILE B 207 7.12 0.95 1.95
CA ILE B 207 6.84 0.55 3.31
C ILE B 207 5.40 0.93 3.68
N VAL B 208 4.96 2.12 3.28
CA VAL B 208 3.55 2.49 3.42
C VAL B 208 2.64 1.36 2.95
N ALA B 209 2.85 0.89 1.73
CA ALA B 209 2.07 -0.21 1.17
C ALA B 209 2.14 -1.47 2.03
N ALA B 210 3.34 -1.85 2.44
CA ALA B 210 3.49 -3.01 3.32
C ALA B 210 2.65 -2.83 4.59
N LEU B 211 2.74 -1.64 5.19
CA LEU B 211 2.06 -1.38 6.46
C LEU B 211 0.55 -1.43 6.28
N ALA B 212 0.07 -0.91 5.15
CA ALA B 212 -1.35 -0.90 4.83
C ALA B 212 -1.92 -2.31 4.81
N ALA B 213 -1.17 -3.26 4.27
CA ALA B 213 -1.61 -4.66 4.25
C ALA B 213 -1.50 -5.29 5.63
N LEU B 214 -0.44 -4.96 6.35
CA LEU B 214 -0.23 -5.51 7.69
C LEU B 214 -1.34 -5.08 8.65
N LYS B 215 -1.96 -3.93 8.37
CA LYS B 215 -2.99 -3.42 9.27
C LYS B 215 -4.23 -4.34 9.31
N GLY B 216 -4.36 -5.22 8.32
CA GLY B 216 -5.50 -6.11 8.29
C GLY B 216 -5.38 -7.23 9.32
N PRO B 217 -6.48 -7.57 10.03
CA PRO B 217 -6.49 -8.58 11.09
C PRO B 217 -6.20 -10.02 10.66
N LEU B 218 -6.14 -10.28 9.36
CA LEU B 218 -5.71 -11.60 8.90
C LEU B 218 -4.20 -11.66 8.66
N HIS B 219 -3.51 -10.57 8.97
CA HIS B 219 -2.06 -10.49 8.83
C HIS B 219 -1.45 -9.85 10.09
N GLY B 220 -1.81 -8.61 10.37
CA GLY B 220 -1.58 -8.07 11.69
C GLY B 220 -2.42 -8.74 12.76
N GLY B 221 -2.08 -8.49 14.03
CA GLY B 221 -3.00 -8.78 15.11
C GLY B 221 -2.83 -10.15 15.75
N ALA B 222 -1.96 -11.00 15.19
CA ALA B 222 -1.83 -12.38 15.65
C ALA B 222 -1.27 -12.53 17.08
N ALA B 223 -0.21 -11.80 17.39
CA ALA B 223 0.38 -11.90 18.73
C ALA B 223 -0.64 -11.39 19.74
N GLU B 224 -1.35 -10.34 19.37
CA GLU B 224 -2.38 -9.76 20.22
C GLU B 224 -3.45 -10.77 20.60
N GLU B 225 -3.98 -11.47 19.60
CA GLU B 225 -5.08 -12.39 19.84
C GLU B 225 -4.65 -13.62 20.63
N ALA B 226 -3.42 -14.07 20.40
CA ALA B 226 -2.89 -15.23 21.11
C ALA B 226 -2.66 -14.92 22.59
N PHE B 227 -2.03 -13.78 22.88
CA PHE B 227 -1.77 -13.34 24.25
C PHE B 227 -3.09 -13.06 25.01
N LYS B 228 -4.10 -12.59 24.29
CA LYS B 228 -5.38 -12.29 24.93
C LYS B 228 -6.05 -13.55 25.45
N GLN B 229 -5.69 -14.70 24.88
CA GLN B 229 -6.13 -15.99 25.40
C GLN B 229 -5.62 -16.20 26.82
N PHE B 230 -4.32 -15.98 27.01
CA PHE B 230 -3.69 -16.20 28.29
C PHE B 230 -4.27 -15.26 29.35
N VAL B 231 -4.50 -14.01 28.97
CA VAL B 231 -5.14 -13.05 29.86
C VAL B 231 -6.51 -13.56 30.27
N GLU B 232 -7.28 -14.06 29.31
CA GLU B 232 -8.62 -14.53 29.61
C GLU B 232 -8.56 -15.73 30.56
N ILE B 233 -7.68 -16.68 30.25
CA ILE B 233 -7.49 -17.84 31.12
C ILE B 233 -7.14 -17.42 32.55
N GLY B 234 -6.28 -16.40 32.67
CA GLY B 234 -6.12 -15.73 33.95
C GLY B 234 -5.15 -16.45 34.88
N SER B 235 -5.20 -17.77 34.89
CA SER B 235 -4.35 -18.56 35.78
C SER B 235 -4.10 -19.96 35.25
N VAL B 236 -2.94 -20.51 35.60
CA VAL B 236 -2.53 -21.83 35.12
C VAL B 236 -3.54 -22.88 35.58
N GLU B 237 -4.06 -22.72 36.79
CA GLU B 237 -5.08 -23.61 37.33
C GLU B 237 -6.31 -23.65 36.41
N ASN B 238 -6.54 -22.55 35.69
CA ASN B 238 -7.74 -22.42 34.88
C ASN B 238 -7.54 -22.99 33.47
N ALA B 239 -6.31 -23.33 33.12
CA ALA B 239 -5.96 -23.64 31.74
C ALA B 239 -6.78 -24.82 31.21
N ASP B 240 -6.91 -25.87 32.02
CA ASP B 240 -7.50 -27.13 31.55
C ASP B 240 -8.99 -27.01 31.31
N LYS B 241 -9.69 -26.31 32.19
CA LYS B 241 -11.11 -26.05 32.02
C LYS B 241 -11.36 -25.16 30.82
N TRP B 242 -10.63 -24.04 30.76
CA TRP B 242 -10.76 -23.12 29.62
C TRP B 242 -10.63 -23.88 28.32
N PHE B 243 -9.59 -24.71 28.22
CA PHE B 243 -9.33 -25.42 26.98
C PHE B 243 -10.44 -26.41 26.66
N GLU B 244 -11.12 -26.89 27.68
CA GLU B 244 -12.21 -27.84 27.49
C GLU B 244 -13.48 -27.16 26.95
N GLU B 245 -13.95 -26.10 27.61
CA GLU B 245 -15.26 -25.53 27.30
C GLU B 245 -15.22 -24.45 26.22
N LYS B 246 -14.03 -24.15 25.73
CA LYS B 246 -13.86 -23.12 24.70
C LYS B 246 -13.43 -23.78 23.40
N ILE B 247 -12.46 -24.69 23.50
CA ILE B 247 -11.95 -25.37 22.33
C ILE B 247 -12.69 -26.70 22.08
N ILE B 248 -12.63 -27.63 23.03
CA ILE B 248 -13.08 -28.99 22.72
C ILE B 248 -14.59 -29.12 22.52
N LYS B 249 -15.39 -28.67 23.49
CA LYS B 249 -16.83 -28.59 23.24
C LYS B 249 -17.21 -27.26 22.60
N GLY B 250 -16.22 -26.41 22.35
CA GLY B 250 -16.45 -25.22 21.54
C GLY B 250 -16.45 -25.50 20.05
N LYS B 251 -16.22 -24.47 19.24
CA LYS B 251 -16.15 -24.66 17.79
C LYS B 251 -15.20 -23.68 17.08
N SER B 252 -15.22 -22.42 17.49
CA SER B 252 -14.17 -21.49 17.07
C SER B 252 -12.93 -21.66 17.95
N ARG B 253 -11.76 -21.68 17.33
CA ARG B 253 -10.62 -22.38 17.89
C ARG B 253 -9.53 -21.47 18.45
N LEU B 254 -8.48 -22.10 18.96
CA LEU B 254 -7.40 -21.41 19.66
C LEU B 254 -6.51 -20.64 18.69
N MET B 255 -5.70 -19.74 19.26
CA MET B 255 -4.84 -18.85 18.47
C MET B 255 -3.39 -19.22 18.71
N GLY B 256 -2.53 -18.98 17.73
CA GLY B 256 -1.10 -19.01 17.97
C GLY B 256 -0.46 -20.36 17.66
N PHE B 257 -1.24 -21.24 17.02
CA PHE B 257 -0.68 -22.49 16.50
C PHE B 257 -0.71 -22.50 14.98
N GLY B 258 0.39 -22.99 14.39
CA GLY B 258 0.43 -23.21 12.96
C GLY B 258 0.50 -24.68 12.58
N HIS B 259 0.62 -24.95 11.29
CA HIS B 259 0.77 -26.32 10.81
C HIS B 259 1.34 -26.36 9.40
N ARG B 260 1.32 -25.21 8.71
CA ARG B 260 1.48 -25.21 7.26
C ARG B 260 2.93 -25.23 6.82
N VAL B 261 3.76 -24.42 7.46
CA VAL B 261 5.11 -24.21 6.97
C VAL B 261 6.05 -25.31 7.43
N TYR B 262 6.09 -25.56 8.73
CA TYR B 262 7.02 -26.52 9.29
C TYR B 262 6.37 -27.85 9.62
N LYS B 263 7.15 -28.93 9.48
CA LYS B 263 6.66 -30.27 9.75
C LYS B 263 6.46 -30.49 11.25
N THR B 264 7.31 -29.89 12.08
CA THR B 264 7.31 -30.20 13.52
C THR B 264 7.24 -28.98 14.42
N TYR B 265 8.08 -27.99 14.17
CA TYR B 265 8.20 -26.83 15.06
C TYR B 265 8.83 -25.67 14.31
N ASP B 266 8.29 -24.46 14.52
CA ASP B 266 8.87 -23.24 13.98
C ASP B 266 10.08 -22.86 14.83
N PRO B 267 11.28 -22.80 14.23
CA PRO B 267 12.50 -22.53 14.98
C PRO B 267 12.50 -21.15 15.67
N ARG B 268 11.81 -20.19 15.07
CA ARG B 268 11.65 -18.86 15.67
C ARG B 268 10.81 -18.96 16.93
N ALA B 269 9.73 -19.73 16.85
CA ALA B 269 8.80 -19.92 17.96
C ALA B 269 9.55 -20.51 19.15
N LYS B 270 10.47 -21.41 18.85
CA LYS B 270 11.29 -22.04 19.87
C LYS B 270 12.13 -21.00 20.61
N ILE B 271 12.68 -20.04 19.89
CA ILE B 271 13.53 -19.05 20.54
C ILE B 271 12.71 -18.04 21.37
N PHE B 272 11.60 -17.58 20.83
CA PHE B 272 10.70 -16.74 21.63
C PHE B 272 10.34 -17.41 22.95
N LYS B 273 10.09 -18.73 22.91
CA LYS B 273 9.74 -19.44 24.14
C LYS B 273 10.88 -19.35 25.16
N THR B 274 12.10 -19.57 24.71
CA THR B 274 13.25 -19.52 25.61
C THR B 274 13.44 -18.11 26.18
N LEU B 275 13.18 -17.08 25.37
CA LEU B 275 13.21 -15.71 25.87
C LEU B 275 12.13 -15.46 26.90
N ALA B 276 10.90 -15.86 26.60
CA ALA B 276 9.82 -15.73 27.56
C ALA B 276 10.23 -16.40 28.87
N LYS B 277 10.65 -17.66 28.78
CA LYS B 277 10.98 -18.44 29.98
C LYS B 277 12.00 -17.75 30.85
N SER B 278 12.97 -17.11 30.22
CA SER B 278 14.04 -16.43 30.94
C SER B 278 13.50 -15.24 31.75
N PHE B 279 12.57 -14.49 31.18
CA PHE B 279 11.93 -13.40 31.92
C PHE B 279 11.04 -13.94 33.02
N ALA B 280 10.47 -15.13 32.81
CA ALA B 280 9.54 -15.70 33.77
C ALA B 280 10.20 -15.95 35.12
N GLU B 281 11.45 -16.43 35.10
CA GLU B 281 12.17 -16.65 36.34
C GLU B 281 12.83 -15.36 36.83
N LYS B 282 12.12 -14.25 36.64
CA LYS B 282 12.55 -12.96 37.16
C LYS B 282 11.35 -12.10 37.53
N ASN B 283 10.20 -12.42 36.96
CA ASN B 283 9.00 -11.61 37.14
C ASN B 283 7.73 -12.45 37.24
N GLU B 284 7.00 -12.27 38.34
CA GLU B 284 5.88 -13.13 38.70
C GLU B 284 4.76 -13.06 37.68
N ASN B 285 4.52 -11.87 37.14
CA ASN B 285 3.44 -11.67 36.18
C ASN B 285 3.78 -12.31 34.84
N VAL B 286 5.04 -12.23 34.44
CA VAL B 286 5.50 -12.92 33.24
C VAL B 286 5.43 -14.43 33.43
N LYS B 287 5.77 -14.91 34.62
CA LYS B 287 5.70 -16.34 34.88
C LYS B 287 4.26 -16.83 34.79
N LYS B 288 3.33 -16.03 35.28
CA LYS B 288 1.93 -16.41 35.28
C LYS B 288 1.45 -16.68 33.86
N TYR B 289 1.76 -15.78 32.94
CA TYR B 289 1.38 -15.96 31.55
C TYR B 289 2.21 -17.05 30.86
N TYR B 290 3.48 -17.15 31.20
CA TYR B 290 4.32 -18.20 30.64
C TYR B 290 3.80 -19.60 31.01
N GLU B 291 3.41 -19.79 32.27
CA GLU B 291 2.97 -21.11 32.71
C GLU B 291 1.60 -21.48 32.15
N ILE B 292 0.70 -20.50 32.06
CA ILE B 292 -0.52 -20.66 31.28
C ILE B 292 -0.19 -21.11 29.85
N ALA B 293 0.67 -20.36 29.18
CA ALA B 293 1.03 -20.66 27.79
C ALA B 293 1.55 -22.09 27.63
N GLU B 294 2.45 -22.49 28.51
CA GLU B 294 3.03 -23.84 28.47
C GLU B 294 1.96 -24.91 28.48
N ARG B 295 0.97 -24.76 29.35
CA ARG B 295 -0.04 -25.80 29.53
C ARG B 295 -0.94 -25.88 28.30
N ILE B 296 -1.32 -24.72 27.76
CA ILE B 296 -2.10 -24.67 26.53
C ILE B 296 -1.33 -25.32 25.38
N GLU B 297 -0.01 -25.15 25.37
CA GLU B 297 0.81 -25.75 24.32
C GLU B 297 0.64 -27.26 24.32
N LYS B 298 0.81 -27.85 25.50
CA LYS B 298 0.68 -29.30 25.68
C LYS B 298 -0.71 -29.80 25.24
N LEU B 299 -1.75 -29.18 25.78
CA LEU B 299 -3.11 -29.52 25.39
C LEU B 299 -3.30 -29.38 23.89
N GLY B 300 -2.82 -28.27 23.32
CA GLY B 300 -3.07 -27.98 21.93
C GLY B 300 -2.33 -28.90 20.97
N VAL B 301 -1.13 -29.32 21.37
CA VAL B 301 -0.37 -30.25 20.54
C VAL B 301 -0.84 -31.69 20.75
N ASP B 302 -1.19 -32.03 21.99
CA ASP B 302 -1.80 -33.33 22.25
C ASP B 302 -3.12 -33.51 21.52
N THR B 303 -4.10 -32.65 21.81
CA THR B 303 -5.45 -32.88 21.31
C THR B 303 -5.57 -32.58 19.82
N PHE B 304 -4.44 -32.24 19.20
CA PHE B 304 -4.42 -31.99 17.76
C PHE B 304 -3.33 -32.77 17.03
N GLY B 305 -2.56 -33.57 17.78
CA GLY B 305 -1.46 -34.30 17.19
C GLY B 305 -0.21 -33.44 17.02
N SER B 306 0.95 -34.04 17.26
CA SER B 306 2.22 -33.33 17.14
C SER B 306 2.74 -33.46 15.71
N LYS B 307 2.35 -34.54 15.06
CA LYS B 307 2.52 -34.72 13.61
C LYS B 307 1.87 -33.57 12.83
N HIS B 308 0.91 -32.89 13.46
CA HIS B 308 0.23 -31.74 12.84
C HIS B 308 0.84 -30.40 13.26
N ILE B 309 0.40 -29.89 14.39
CA ILE B 309 0.53 -28.47 14.69
C ILE B 309 1.61 -28.18 15.72
N TYR B 310 1.94 -26.90 15.86
CA TYR B 310 2.99 -26.45 16.75
C TYR B 310 2.64 -25.01 17.13
N PRO B 311 3.16 -24.51 18.26
CA PRO B 311 2.97 -23.08 18.47
C PRO B 311 3.74 -22.34 17.39
N ASN B 312 3.10 -21.36 16.76
CA ASN B 312 3.85 -20.47 15.89
C ASN B 312 4.43 -19.32 16.70
N THR B 313 5.21 -18.46 16.04
CA THR B 313 5.93 -17.39 16.72
C THR B 313 4.99 -16.58 17.61
N ASP B 314 3.75 -16.42 17.17
CA ASP B 314 2.78 -15.60 17.88
C ASP B 314 2.41 -16.13 19.25
N PHE B 315 2.66 -17.41 19.50
CA PHE B 315 2.23 -18.01 20.77
C PHE B 315 3.03 -17.47 21.95
N TYR B 316 4.32 -17.27 21.78
CA TYR B 316 5.16 -16.78 22.87
C TYR B 316 5.70 -15.36 22.68
N SER B 317 5.57 -14.81 21.48
CA SER B 317 6.15 -13.49 21.21
C SER B 317 5.51 -12.42 22.09
N GLY B 318 4.19 -12.48 22.23
CA GLY B 318 3.49 -11.51 23.05
C GLY B 318 3.99 -11.47 24.50
N ILE B 319 4.35 -12.64 25.02
CA ILE B 319 4.84 -12.70 26.40
C ILE B 319 6.20 -12.00 26.53
N VAL B 320 7.06 -12.20 25.55
CA VAL B 320 8.34 -11.47 25.49
C VAL B 320 8.09 -9.97 25.39
N PHE B 321 7.19 -9.58 24.50
CA PHE B 321 6.85 -8.17 24.32
C PHE B 321 6.26 -7.59 25.60
N TYR B 322 5.36 -8.33 26.21
CA TYR B 322 4.81 -7.96 27.51
C TYR B 322 5.93 -7.81 28.54
N ALA B 323 6.83 -8.80 28.58
CA ALA B 323 7.91 -8.80 29.56
C ALA B 323 8.82 -7.60 29.37
N LEU B 324 8.89 -7.09 28.14
CA LEU B 324 9.71 -5.93 27.85
C LEU B 324 9.03 -4.62 28.26
N GLY B 325 7.74 -4.69 28.58
CA GLY B 325 7.03 -3.50 29.00
C GLY B 325 6.00 -2.98 28.01
N PHE B 326 5.84 -3.66 26.88
CA PHE B 326 4.97 -3.15 25.83
C PHE B 326 3.52 -3.56 26.05
N PRO B 327 2.59 -2.62 25.91
CA PRO B 327 1.17 -2.97 25.96
C PRO B 327 0.79 -3.78 24.72
N ILE B 328 -0.33 -4.49 24.82
CA ILE B 328 -0.76 -5.37 23.74
C ILE B 328 -0.92 -4.62 22.42
N TYR B 329 -1.39 -3.38 22.47
CA TYR B 329 -1.65 -2.63 21.25
C TYR B 329 -0.37 -2.29 20.46
N MET B 330 0.79 -2.63 20.99
CA MET B 330 2.06 -2.44 20.25
C MET B 330 2.59 -3.70 19.54
N PHE B 331 1.98 -4.86 19.78
CA PHE B 331 2.61 -6.10 19.37
C PHE B 331 2.85 -6.19 17.86
N THR B 332 1.82 -5.93 17.05
CA THR B 332 1.98 -5.90 15.61
C THR B 332 3.02 -4.88 15.14
N SER B 333 3.10 -3.73 15.81
CA SER B 333 4.09 -2.71 15.49
C SER B 333 5.51 -3.21 15.68
N LEU B 334 5.68 -4.09 16.67
CA LEU B 334 6.99 -4.64 16.98
C LEU B 334 7.38 -5.67 15.95
N PHE B 335 6.40 -6.36 15.38
CA PHE B 335 6.62 -7.14 14.16
C PHE B 335 7.12 -6.25 13.01
N ALA B 336 6.42 -5.14 12.78
CA ALA B 336 6.72 -4.26 11.65
C ALA B 336 8.13 -3.69 11.80
N LEU B 337 8.51 -3.40 13.04
CA LEU B 337 9.82 -2.82 13.33
C LEU B 337 10.93 -3.77 12.89
N SER B 338 10.70 -5.06 13.09
CA SER B 338 11.65 -6.07 12.67
C SER B 338 11.54 -6.35 11.17
N ARG B 339 10.33 -6.59 10.70
CA ARG B 339 10.14 -7.13 9.37
C ARG B 339 10.48 -6.10 8.31
N VAL B 340 10.59 -4.84 8.71
CA VAL B 340 10.92 -3.79 7.75
C VAL B 340 12.27 -4.02 7.08
N LEU B 341 13.18 -4.67 7.79
CA LEU B 341 14.45 -5.09 7.18
C LEU B 341 14.21 -6.03 6.01
N GLY B 342 13.35 -7.02 6.22
CA GLY B 342 13.04 -7.94 5.15
C GLY B 342 12.30 -7.25 4.00
N TRP B 343 11.32 -6.41 4.32
CA TRP B 343 10.67 -5.61 3.28
C TRP B 343 11.72 -4.86 2.44
N LEU B 344 12.62 -4.15 3.12
CA LEU B 344 13.62 -3.34 2.44
C LEU B 344 14.54 -4.20 1.59
N ALA B 345 14.99 -5.33 2.15
CA ALA B 345 15.92 -6.20 1.43
C ALA B 345 15.27 -6.80 0.18
N HIS B 346 14.00 -7.18 0.31
CA HIS B 346 13.23 -7.73 -0.79
C HIS B 346 12.98 -6.74 -1.94
N ILE B 347 12.56 -5.52 -1.61
CA ILE B 347 12.28 -4.57 -2.69
C ILE B 347 13.54 -4.07 -3.39
N ILE B 348 14.63 -3.96 -2.65
CA ILE B 348 15.92 -3.63 -3.24
C ILE B 348 16.41 -4.75 -4.16
N GLU B 349 16.30 -5.98 -3.68
CA GLU B 349 16.54 -7.16 -4.51
C GLU B 349 15.71 -7.13 -5.81
N TYR B 350 14.45 -6.75 -5.68
CA TYR B 350 13.54 -6.76 -6.82
C TYR B 350 13.93 -5.69 -7.82
N VAL B 351 14.08 -4.46 -7.32
CA VAL B 351 14.31 -3.31 -8.18
C VAL B 351 15.67 -3.41 -8.87
N GLU B 352 16.71 -3.79 -8.11
CA GLU B 352 18.07 -3.79 -8.66
C GLU B 352 18.37 -5.01 -9.54
N GLU B 353 17.69 -6.12 -9.28
CA GLU B 353 18.10 -7.39 -9.87
C GLU B 353 17.02 -8.10 -10.70
N GLN B 354 15.75 -7.76 -10.47
CA GLN B 354 14.67 -8.52 -11.09
C GLN B 354 13.50 -7.67 -11.58
N HIS B 355 13.74 -6.39 -11.87
CA HIS B 355 12.61 -5.48 -11.93
C HIS B 355 11.65 -5.82 -13.06
N ARG B 356 10.37 -5.75 -12.74
CA ARG B 356 9.31 -5.96 -13.72
C ARG B 356 8.05 -5.34 -13.12
N LEU B 357 7.39 -4.49 -13.90
CA LEU B 357 6.13 -3.89 -13.48
C LEU B 357 5.11 -4.99 -13.19
N ILE B 358 4.42 -4.88 -12.07
CA ILE B 358 3.40 -5.88 -11.74
C ILE B 358 2.03 -5.42 -12.21
N ARG B 359 1.37 -6.27 -13.01
CA ARG B 359 0.04 -5.98 -13.50
C ARG B 359 -0.70 -7.26 -13.93
N PRO B 360 -1.40 -7.90 -12.99
CA PRO B 360 -2.13 -9.15 -13.22
C PRO B 360 -3.42 -8.93 -14.01
N ARG B 361 -4.14 -10.03 -14.26
CA ARG B 361 -5.38 -9.99 -15.05
C ARG B 361 -6.57 -10.05 -14.14
N ALA B 362 -7.67 -9.44 -14.59
CA ALA B 362 -9.00 -9.82 -14.10
C ALA B 362 -9.73 -10.60 -15.20
N LEU B 363 -10.59 -11.53 -14.78
CA LEU B 363 -11.41 -12.25 -15.73
C LEU B 363 -12.81 -11.68 -15.74
N TYR B 364 -13.21 -11.10 -16.86
CA TYR B 364 -14.53 -10.48 -16.91
C TYR B 364 -15.62 -11.53 -16.99
N ILE B 365 -16.52 -11.52 -16.01
CA ILE B 365 -17.82 -12.13 -16.12
C ILE B 365 -18.85 -11.00 -16.07
N GLY B 366 -20.04 -11.25 -15.56
CA GLY B 366 -21.00 -10.17 -15.49
C GLY B 366 -21.44 -9.68 -16.86
N PRO B 367 -22.34 -8.67 -16.91
CA PRO B 367 -23.27 -8.50 -18.02
C PRO B 367 -22.66 -8.36 -19.42
N GLU B 368 -23.38 -8.87 -20.41
CA GLU B 368 -23.07 -8.63 -21.82
C GLU B 368 -23.47 -7.21 -22.23
N LYS B 369 -23.08 -6.78 -23.42
CA LYS B 369 -23.40 -5.43 -23.85
C LYS B 369 -24.89 -5.16 -23.68
N ARG B 370 -25.23 -3.98 -23.17
CA ARG B 370 -26.60 -3.55 -23.18
C ARG B 370 -26.80 -2.12 -23.62
N GLU B 371 -28.03 -1.83 -24.04
CA GLU B 371 -28.38 -0.49 -24.52
C GLU B 371 -28.61 0.46 -23.35
N PHE B 372 -28.18 1.68 -23.49
CA PHE B 372 -28.35 2.64 -22.42
C PHE B 372 -29.82 2.87 -22.16
N LYS B 373 -30.16 3.08 -20.88
CA LYS B 373 -31.56 3.22 -20.49
C LYS B 373 -31.76 4.50 -19.68
N PRO B 374 -32.55 5.44 -20.21
CA PRO B 374 -32.78 6.71 -19.49
C PRO B 374 -33.48 6.48 -18.15
N ILE B 375 -33.28 7.42 -17.24
CA ILE B 375 -33.57 7.18 -15.83
C ILE B 375 -35.07 7.04 -15.57
N GLU B 376 -35.87 7.87 -16.23
CA GLU B 376 -37.33 7.75 -16.13
C GLU B 376 -37.80 6.33 -16.42
N LEU B 377 -37.04 5.58 -17.20
CA LEU B 377 -37.43 4.23 -17.57
C LEU B 377 -36.81 3.15 -16.69
N ARG B 378 -35.99 3.53 -15.71
CA ARG B 378 -35.29 2.53 -14.92
C ARG B 378 -36.12 2.01 -13.74
#